data_8TQ9
#
_entry.id   8TQ9
#
_cell.length_a   54.901
_cell.length_b   183.181
_cell.length_c   216.715
_cell.angle_alpha   90.000
_cell.angle_beta   90.000
_cell.angle_gamma   90.000
#
_symmetry.space_group_name_H-M   'I 2 2 2'
#
loop_
_entity.id
_entity.type
_entity.pdbx_description
1 polymer 'H-2 class I histocompatibility antigen, D-D alpha chain'
2 polymer Beta-2-microglobulin
3 polymer 'Fab.S19.8 Heavy Chain'
4 polymer 'Fab.S19.8 Light Chain'
5 polymer 'Transmembrane protein gp41'
6 non-polymer 'SULFATE ION'
7 non-polymer GLYCEROL
8 water water
#
loop_
_entity_poly.entity_id
_entity_poly.type
_entity_poly.pdbx_seq_one_letter_code
_entity_poly.pdbx_strand_id
1 'polypeptide(L)'
;SHSLRYFVTAVSRPGFGEPRYMEVGYVDNTEFVRFDSDAENPRYEPRARWIEQEGPEYWERETRRAKGNEQSFRVDLRTA
LRYYNQSAGGSHTLQWMAGCDVESDGRLLRGYWQFAYDGCDYIALNEDLKTWTAADMAAQITRRKWEQAGAAERDRAYLE
GECVEWLRRYLKNGNATLLRTDPPKAHVTHHRRPEGDVTLRCWALGFYPADITLTWQLNGEELTQEMELVETRPAGDGTF
QKWASVVVPLGKEQKYTCHVEHEGLPEPLTLRW
;
A
2 'polypeptide(L)'
;YAIQKTPQIQVYSRHPPENGKPNILNCYVTQFHPPHIEIQMLKNGKKIPKVEMSDMSFSKDWSFYILAHTEFTPTETDTY
ACRVKHASMAEPKTVYWDRDM
;
B
3 'polypeptide(L)'
;VQLQQSGPVLVKPGASVKMSCKASGYTFTDHYMNWVKQSPGKSLEWIGGINPYNGGISYNQKFKGMATLTADKSSSTAYM
ELNSLTSEDSAVYYCVRRIGYYPSYFFDYWGQGTTLTVSSAKTTPPSVYPLAPVCGDTTGSSVTLGCLVKGYFPEPVTLT
WNSGSLSSGVHTFPAVLQSDLYTLSSSVTVTSSTWPSQSITCNVAHPASSTKVDKKIE
;
H
4 'polypeptide(L)'
;STTVTQSPASLSVATGEKVTIRCITSTDIDDNMNWYQQKPGEPPKLLISEGNTLRPGVPSRFSSSGFGTDFVFTIENTLS
EDFADYYCLQSDDMPLTFGAGTKLELKRADAAPTVSIFPPSSEQLTSGGASVVCFLNNFYPKDINVKWKIDGSERQNGVL
NSWTDQDSKDSTYSMSSTLTLTKDEYERHNSYTCEATHKTSTSPIVKSFNRNEC
;
L
5 'polypeptide(L)' RGPGRAFVTI P
#
# COMPACT_ATOMS: atom_id res chain seq x y z
N SER A 1 -13.42 38.16 24.71
CA SER A 1 -12.70 38.50 23.50
C SER A 1 -13.28 37.77 22.30
N HIS A 2 -12.90 38.20 21.09
CA HIS A 2 -13.37 37.58 19.86
C HIS A 2 -12.21 37.45 18.90
N SER A 3 -12.39 36.60 17.88
CA SER A 3 -11.31 36.26 16.97
C SER A 3 -11.83 36.18 15.55
N LEU A 4 -10.96 36.54 14.61
CA LEU A 4 -11.16 36.29 13.19
C LEU A 4 -9.92 35.59 12.68
N ARG A 5 -10.05 34.31 12.31
CA ARG A 5 -8.91 33.49 11.93
C ARG A 5 -9.13 32.90 10.54
N TYR A 6 -8.02 32.66 9.84
CA TYR A 6 -8.04 32.06 8.52
C TYR A 6 -7.02 30.93 8.48
N PHE A 7 -7.48 29.76 8.05
CA PHE A 7 -6.70 28.54 8.01
C PHE A 7 -6.58 28.10 6.57
N VAL A 8 -5.34 27.95 6.08
CA VAL A 8 -5.05 27.72 4.68
C VAL A 8 -4.17 26.48 4.56
N THR A 9 -4.50 25.60 3.62
CA THR A 9 -3.76 24.37 3.43
C THR A 9 -3.52 24.13 1.95
N ALA A 10 -2.25 23.87 1.60
CA ALA A 10 -1.87 23.48 0.25
C ALA A 10 -1.17 22.13 0.32
N VAL A 11 -1.73 21.12 -0.35
CA VAL A 11 -1.17 19.78 -0.34
C VAL A 11 -0.85 19.36 -1.76
N SER A 12 0.34 18.78 -1.95
CA SER A 12 0.76 18.34 -3.27
C SER A 12 0.36 16.88 -3.49
N ARG A 13 0.13 16.55 -4.76
CA ARG A 13 -0.23 15.19 -5.15
C ARG A 13 0.42 14.90 -6.50
N PRO A 14 1.71 14.57 -6.51
CA PRO A 14 2.40 14.30 -7.77
C PRO A 14 1.74 13.17 -8.54
N GLY A 15 1.79 13.29 -9.87
CA GLY A 15 1.17 12.35 -10.77
C GLY A 15 -0.32 12.53 -10.94
N PHE A 16 -0.98 13.29 -10.07
CA PHE A 16 -2.42 13.49 -10.18
C PHE A 16 -2.73 14.81 -10.88
N GLY A 17 -2.60 15.91 -10.18
CA GLY A 17 -2.87 17.22 -10.74
C GLY A 17 -2.09 18.28 -10.00
N GLU A 18 -2.59 19.52 -10.06
CA GLU A 18 -1.98 20.61 -9.33
C GLU A 18 -2.30 20.47 -7.84
N PRO A 19 -1.49 21.10 -6.97
CA PRO A 19 -1.74 20.96 -5.53
C PRO A 19 -3.14 21.45 -5.13
N ARG A 20 -3.77 20.68 -4.25
CA ARG A 20 -5.06 21.06 -3.70
C ARG A 20 -4.89 22.20 -2.70
N TYR A 21 -5.71 23.24 -2.85
CA TYR A 21 -5.61 24.45 -2.04
C TYR A 21 -6.95 24.74 -1.40
N MET A 22 -6.96 24.95 -0.09
CA MET A 22 -8.19 25.24 0.64
C MET A 22 -7.97 26.39 1.61
N GLU A 23 -8.98 27.24 1.73
CA GLU A 23 -9.02 28.32 2.71
C GLU A 23 -10.32 28.20 3.51
N VAL A 24 -10.22 28.41 4.81
CA VAL A 24 -11.38 28.35 5.70
C VAL A 24 -11.33 29.52 6.66
N GLY A 25 -12.40 30.30 6.70
CA GLY A 25 -12.49 31.46 7.59
C GLY A 25 -13.39 31.15 8.77
N TYR A 26 -12.91 31.54 9.96
CA TYR A 26 -13.59 31.30 11.21
C TYR A 26 -13.79 32.62 11.95
N VAL A 27 -15.00 32.86 12.42
CA VAL A 27 -15.27 33.87 13.44
C VAL A 27 -15.50 33.12 14.75
N ASP A 28 -14.66 33.39 15.74
CA ASP A 28 -14.61 32.60 16.96
C ASP A 28 -14.40 31.13 16.61
N ASN A 29 -15.40 30.29 16.89
CA ASN A 29 -15.31 28.87 16.60
C ASN A 29 -16.22 28.44 15.45
N THR A 30 -16.82 29.38 14.74
CA THR A 30 -17.79 29.06 13.69
C THR A 30 -17.20 29.38 12.33
N GLU A 31 -17.25 28.40 11.43
CA GLU A 31 -16.82 28.61 10.06
C GLU A 31 -17.87 29.43 9.30
N PHE A 32 -17.39 30.38 8.50
CA PHE A 32 -18.31 31.21 7.72
C PHE A 32 -17.95 31.36 6.24
N VAL A 33 -16.72 31.08 5.84
CA VAL A 33 -16.33 31.15 4.43
C VAL A 33 -15.41 29.96 4.11
N ARG A 34 -15.35 29.63 2.83
CA ARG A 34 -14.54 28.51 2.40
C ARG A 34 -14.06 28.70 0.97
N PHE A 35 -12.83 28.27 0.69
CA PHE A 35 -12.32 28.15 -0.66
C PHE A 35 -11.76 26.76 -0.85
N ASP A 36 -11.90 26.23 -2.07
CA ASP A 36 -11.42 24.89 -2.37
C ASP A 36 -11.14 24.80 -3.86
N SER A 37 -9.90 24.46 -4.21
CA SER A 37 -9.53 24.33 -5.62
C SER A 37 -10.16 23.11 -6.28
N ASP A 38 -10.75 22.21 -5.51
CA ASP A 38 -11.34 20.98 -6.04
C ASP A 38 -12.86 21.06 -6.10
N ALA A 39 -13.40 22.16 -6.62
CA ALA A 39 -14.83 22.38 -6.70
C ALA A 39 -15.26 22.46 -8.16
N GLU A 40 -16.56 22.70 -8.38
CA GLU A 40 -17.07 22.85 -9.73
C GLU A 40 -16.39 24.02 -10.45
N ASN A 41 -16.24 25.15 -9.76
CA ASN A 41 -15.26 26.15 -10.14
C ASN A 41 -14.76 26.77 -8.84
N PRO A 42 -13.46 26.99 -8.70
CA PRO A 42 -12.93 27.51 -7.44
C PRO A 42 -13.37 28.94 -7.17
N ARG A 43 -14.19 29.13 -6.14
CA ARG A 43 -14.62 30.46 -5.72
C ARG A 43 -14.72 30.48 -4.20
N TYR A 44 -14.82 31.69 -3.66
CA TYR A 44 -15.02 31.86 -2.22
C TYR A 44 -16.50 31.73 -1.92
N GLU A 45 -16.90 30.67 -1.23
CA GLU A 45 -18.29 30.41 -0.95
C GLU A 45 -18.62 30.67 0.51
N PRO A 46 -19.86 31.08 0.80
CA PRO A 46 -20.27 31.25 2.20
C PRO A 46 -20.59 29.93 2.86
N ARG A 47 -20.39 29.91 4.18
CA ARG A 47 -20.69 28.73 5.00
C ARG A 47 -21.66 29.01 6.13
N ALA A 48 -21.90 30.27 6.47
CA ALA A 48 -22.90 30.67 7.43
C ALA A 48 -23.97 31.49 6.74
N ARG A 49 -25.04 31.78 7.47
CA ARG A 49 -26.15 32.52 6.89
C ARG A 49 -25.89 34.02 6.88
N TRP A 50 -25.41 34.57 8.00
CA TRP A 50 -25.24 36.02 8.11
C TRP A 50 -24.22 36.57 7.12
N ILE A 51 -23.30 35.73 6.63
CA ILE A 51 -22.27 36.22 5.71
C ILE A 51 -22.80 36.38 4.28
N GLU A 52 -23.88 35.67 3.92
CA GLU A 52 -24.44 35.82 2.57
C GLU A 52 -24.96 37.22 2.30
N GLN A 53 -25.11 38.06 3.33
CA GLN A 53 -25.52 39.44 3.14
C GLN A 53 -24.52 40.22 2.30
N GLU A 54 -23.28 39.76 2.23
CA GLU A 54 -22.25 40.46 1.46
C GLU A 54 -22.61 40.47 -0.02
N GLY A 55 -22.17 41.51 -0.71
CA GLY A 55 -22.47 41.67 -2.11
C GLY A 55 -21.55 40.83 -2.99
N PRO A 56 -21.82 40.88 -4.29
CA PRO A 56 -21.00 40.08 -5.23
C PRO A 56 -19.55 40.51 -5.29
N GLU A 57 -19.26 41.81 -5.11
CA GLU A 57 -17.88 42.27 -5.17
C GLU A 57 -17.06 41.74 -4.00
N TYR A 58 -17.71 41.49 -2.85
CA TYR A 58 -17.02 40.85 -1.73
C TYR A 58 -16.46 39.50 -2.14
N TRP A 59 -17.34 38.63 -2.66
CA TRP A 59 -16.90 37.31 -3.10
C TRP A 59 -15.90 37.40 -4.25
N GLU A 60 -16.05 38.40 -5.12
CA GLU A 60 -15.11 38.56 -6.24
C GLU A 60 -13.70 38.87 -5.72
N ARG A 61 -13.60 39.84 -4.81
CA ARG A 61 -12.29 40.19 -4.26
C ARG A 61 -11.70 39.03 -3.46
N GLU A 62 -12.53 38.32 -2.70
CA GLU A 62 -12.01 37.19 -1.93
C GLU A 62 -11.55 36.05 -2.84
N THR A 63 -12.27 35.82 -3.95
CA THR A 63 -11.85 34.80 -4.90
C THR A 63 -10.53 35.17 -5.56
N ARG A 64 -10.39 36.44 -5.97
CA ARG A 64 -9.12 36.90 -6.51
C ARG A 64 -7.98 36.68 -5.51
N ARG A 65 -8.22 37.03 -4.24
CA ARG A 65 -7.20 36.85 -3.21
C ARG A 65 -6.84 35.40 -3.05
N ALA A 66 -7.84 34.51 -3.02
CA ALA A 66 -7.59 33.09 -2.85
C ALA A 66 -6.78 32.51 -4.00
N LYS A 67 -7.09 32.93 -5.23
CA LYS A 67 -6.35 32.41 -6.38
C LYS A 67 -4.90 32.91 -6.37
N GLY A 68 -4.69 34.18 -6.03
CA GLY A 68 -3.33 34.67 -5.88
C GLY A 68 -2.55 33.89 -4.83
N ASN A 69 -3.16 33.70 -3.67
CA ASN A 69 -2.51 32.92 -2.61
C ASN A 69 -2.25 31.49 -3.06
N GLU A 70 -3.12 30.93 -3.88
CA GLU A 70 -2.92 29.57 -4.39
C GLU A 70 -1.69 29.49 -5.27
N GLN A 71 -1.52 30.46 -6.17
CA GLN A 71 -0.30 30.49 -6.98
C GLN A 71 0.93 30.64 -6.11
N SER A 72 0.85 31.50 -5.10
CA SER A 72 1.96 31.67 -4.16
C SER A 72 2.31 30.34 -3.50
N PHE A 73 1.29 29.59 -3.05
CA PHE A 73 1.55 28.34 -2.34
C PHE A 73 2.08 27.27 -3.27
N ARG A 74 1.68 27.27 -4.54
CA ARG A 74 2.29 26.36 -5.51
C ARG A 74 3.79 26.60 -5.60
N VAL A 75 4.16 27.87 -5.84
CA VAL A 75 5.58 28.21 -5.91
C VAL A 75 6.28 27.83 -4.60
N ASP A 76 5.59 28.04 -3.47
CA ASP A 76 6.19 27.75 -2.17
C ASP A 76 6.46 26.26 -2.00
N LEU A 77 5.54 25.41 -2.45
CA LEU A 77 5.74 23.98 -2.37
C LEU A 77 6.96 23.56 -3.19
N ARG A 78 7.09 24.10 -4.41
CA ARG A 78 8.24 23.73 -5.22
C ARG A 78 9.56 24.20 -4.59
N THR A 79 9.59 25.42 -4.04
CA THR A 79 10.82 25.90 -3.43
C THR A 79 11.12 25.16 -2.14
N ALA A 80 10.11 24.70 -1.41
CA ALA A 80 10.36 23.89 -0.22
C ALA A 80 10.96 22.55 -0.63
N LEU A 81 10.46 21.97 -1.72
CA LEU A 81 11.07 20.78 -2.29
C LEU A 81 12.56 21.00 -2.54
N ARG A 82 12.90 22.11 -3.21
CA ARG A 82 14.31 22.42 -3.43
C ARG A 82 15.05 22.67 -2.11
N TYR A 83 14.36 23.30 -1.14
CA TYR A 83 14.99 23.70 0.11
C TYR A 83 15.42 22.49 0.94
N TYR A 84 14.57 21.46 0.98
CA TYR A 84 14.80 20.31 1.84
C TYR A 84 15.40 19.12 1.11
N ASN A 85 15.75 19.28 -0.16
CA ASN A 85 16.38 18.21 -0.96
C ASN A 85 15.47 16.99 -0.98
N GLN A 86 14.21 17.21 -1.37
CA GLN A 86 13.17 16.19 -1.35
C GLN A 86 12.75 15.81 -2.76
N SER A 87 12.31 14.57 -2.92
CA SER A 87 11.91 14.05 -4.22
C SER A 87 10.56 14.62 -4.65
N ALA A 88 10.38 14.75 -5.96
CA ALA A 88 9.16 15.30 -6.54
C ALA A 88 8.04 14.28 -6.66
N GLY A 89 8.17 13.12 -6.01
CA GLY A 89 7.14 12.10 -6.06
C GLY A 89 6.35 12.00 -4.76
N GLY A 90 6.84 12.66 -3.72
CA GLY A 90 6.17 12.62 -2.43
C GLY A 90 5.12 13.71 -2.29
N SER A 91 4.16 13.45 -1.40
CA SER A 91 3.09 14.38 -1.09
C SER A 91 3.47 15.18 0.15
N HIS A 92 3.52 16.50 0.02
CA HIS A 92 3.90 17.39 1.10
C HIS A 92 2.81 18.43 1.34
N THR A 93 2.73 18.91 2.57
CA THR A 93 1.70 19.85 2.98
C THR A 93 2.33 21.15 3.46
N LEU A 94 1.59 22.24 3.26
CA LEU A 94 2.00 23.57 3.68
C LEU A 94 0.78 24.23 4.30
N GLN A 95 0.85 24.51 5.59
CA GLN A 95 -0.25 25.12 6.32
C GLN A 95 0.10 26.55 6.70
N TRP A 96 -0.92 27.40 6.75
CA TRP A 96 -0.76 28.80 7.07
C TRP A 96 -1.95 29.24 7.91
N MET A 97 -1.67 29.89 9.03
CA MET A 97 -2.71 30.42 9.90
C MET A 97 -2.48 31.90 10.09
N ALA A 98 -3.53 32.71 9.88
CA ALA A 98 -3.40 34.15 10.02
C ALA A 98 -4.69 34.72 10.60
N GLY A 99 -4.56 35.60 11.58
CA GLY A 99 -5.76 36.17 12.16
C GLY A 99 -5.48 37.10 13.31
N CYS A 100 -6.57 37.54 13.94
CA CYS A 100 -6.49 38.51 15.02
C CYS A 100 -7.51 38.17 16.10
N ASP A 101 -7.04 38.18 17.35
CA ASP A 101 -7.92 38.17 18.51
C ASP A 101 -7.93 39.58 19.09
N VAL A 102 -9.13 40.15 19.22
CA VAL A 102 -9.31 41.47 19.83
C VAL A 102 -10.13 41.32 21.10
N GLU A 103 -9.93 42.25 22.03
CA GLU A 103 -10.61 42.23 23.31
C GLU A 103 -12.05 42.70 23.14
N SER A 104 -12.82 42.65 24.23
CA SER A 104 -14.19 43.13 24.20
C SER A 104 -14.26 44.61 23.84
N ASP A 105 -13.19 45.36 24.11
CA ASP A 105 -13.14 46.76 23.74
C ASP A 105 -13.00 46.92 22.23
N GLY A 106 -11.92 46.39 21.67
CA GLY A 106 -11.62 46.56 20.26
C GLY A 106 -10.13 46.65 20.01
N ARG A 107 -9.36 46.77 21.08
CA ARG A 107 -7.90 46.77 20.97
C ARG A 107 -7.41 45.38 20.60
N LEU A 108 -6.40 45.33 19.73
CA LEU A 108 -5.86 44.06 19.27
C LEU A 108 -5.16 43.33 20.42
N LEU A 109 -5.69 42.16 20.78
CA LEU A 109 -5.05 41.37 21.84
C LEU A 109 -3.87 40.58 21.29
N ARG A 110 -4.03 39.94 20.13
CA ARG A 110 -2.97 39.09 19.59
C ARG A 110 -3.13 38.96 18.09
N GLY A 111 -2.00 38.98 17.39
CA GLY A 111 -1.97 38.76 15.95
C GLY A 111 -1.21 37.49 15.63
N TYR A 112 -1.70 36.76 14.63
CA TYR A 112 -1.11 35.48 14.23
C TYR A 112 -0.81 35.51 12.74
N TRP A 113 0.39 35.04 12.38
CA TRP A 113 0.83 34.90 10.98
C TRP A 113 1.92 33.82 11.00
N GLN A 114 1.51 32.55 10.92
CA GLN A 114 2.42 31.44 11.07
C GLN A 114 2.26 30.43 9.94
N PHE A 115 3.36 29.72 9.66
CA PHE A 115 3.41 28.71 8.62
C PHE A 115 3.95 27.41 9.19
N ALA A 116 3.64 26.33 8.50
CA ALA A 116 4.13 25.00 8.86
C ALA A 116 4.34 24.19 7.59
N TYR A 117 5.41 23.40 7.58
CA TYR A 117 5.71 22.50 6.46
C TYR A 117 5.66 21.07 6.97
N ASP A 118 4.82 20.26 6.35
CA ASP A 118 4.67 18.84 6.70
C ASP A 118 4.33 18.67 8.17
N GLY A 119 3.41 19.50 8.67
CA GLY A 119 2.97 19.41 10.05
C GLY A 119 3.96 19.90 11.08
N CYS A 120 5.08 20.46 10.66
CA CYS A 120 6.10 20.98 11.56
C CYS A 120 6.22 22.49 11.41
N ASP A 121 6.51 23.16 12.52
CA ASP A 121 6.64 24.61 12.52
C ASP A 121 7.72 25.07 11.55
N TYR A 122 7.39 26.05 10.71
CA TYR A 122 8.33 26.61 9.76
C TYR A 122 8.76 28.01 10.19
N ILE A 123 7.88 29.00 10.08
CA ILE A 123 8.20 30.37 10.43
C ILE A 123 6.96 31.03 11.02
N ALA A 124 7.15 31.82 12.07
CA ALA A 124 6.02 32.43 12.76
C ALA A 124 6.31 33.88 13.10
N LEU A 125 5.35 34.76 12.85
CA LEU A 125 5.46 36.14 13.29
C LEU A 125 5.33 36.20 14.80
N ASN A 126 6.21 36.95 15.45
CA ASN A 126 6.23 37.03 16.90
C ASN A 126 5.09 37.91 17.40
N GLU A 127 5.03 38.09 18.72
CA GLU A 127 3.97 38.89 19.31
C GLU A 127 4.17 40.38 19.04
N ASP A 128 5.42 40.81 18.87
CA ASP A 128 5.68 42.22 18.57
C ASP A 128 5.18 42.62 17.18
N LEU A 129 4.88 41.64 16.32
CA LEU A 129 4.47 41.87 14.94
C LEU A 129 5.55 42.58 14.12
N LYS A 130 6.81 42.45 14.52
CA LYS A 130 7.93 43.00 13.78
C LYS A 130 8.99 41.97 13.42
N THR A 131 9.20 40.94 14.26
CA THR A 131 10.26 39.97 14.05
C THR A 131 9.67 38.58 13.84
N TRP A 132 10.46 37.71 13.22
CA TRP A 132 10.06 36.36 12.89
C TRP A 132 10.84 35.34 13.73
N THR A 133 10.28 34.15 13.83
CA THR A 133 10.92 33.01 14.50
C THR A 133 10.92 31.84 13.54
N ALA A 134 12.11 31.34 13.23
CA ALA A 134 12.31 30.26 12.27
C ALA A 134 12.78 29.00 13.00
N ALA A 135 12.44 27.84 12.41
CA ALA A 135 12.75 26.56 13.05
C ALA A 135 14.08 25.97 12.57
N ASP A 136 14.22 25.75 11.27
CA ASP A 136 15.42 25.17 10.69
C ASP A 136 16.06 26.15 9.72
N MET A 137 17.17 25.73 9.11
CA MET A 137 17.99 26.61 8.29
C MET A 137 17.27 27.11 7.05
N ALA A 138 16.43 26.27 6.43
CA ALA A 138 15.61 26.75 5.33
C ALA A 138 14.68 27.87 5.79
N ALA A 139 14.10 27.71 6.98
CA ALA A 139 13.27 28.76 7.54
C ALA A 139 14.10 29.99 7.89
N GLN A 140 15.39 29.82 8.23
CA GLN A 140 16.24 30.98 8.45
C GLN A 140 16.49 31.74 7.15
N ILE A 141 16.65 31.01 6.04
CA ILE A 141 16.76 31.66 4.74
C ILE A 141 15.49 32.45 4.45
N THR A 142 14.34 31.83 4.68
CA THR A 142 13.07 32.52 4.48
C THR A 142 12.95 33.75 5.37
N ARG A 143 13.44 33.66 6.61
CA ARG A 143 13.34 34.77 7.54
C ARG A 143 14.21 35.93 7.09
N ARG A 144 15.44 35.65 6.68
CA ARG A 144 16.31 36.73 6.22
C ARG A 144 15.75 37.35 4.94
N LYS A 145 15.19 36.53 4.05
CA LYS A 145 14.47 37.05 2.89
C LYS A 145 13.38 38.05 3.31
N TRP A 146 12.46 37.59 4.15
CA TRP A 146 11.33 38.40 4.56
C TRP A 146 11.74 39.61 5.39
N GLU A 147 12.92 39.57 6.01
CA GLU A 147 13.40 40.72 6.76
C GLU A 147 14.01 41.75 5.85
N GLN A 148 14.72 41.32 4.80
CA GLN A 148 15.14 42.26 3.76
C GLN A 148 13.92 42.92 3.13
N ALA A 149 12.94 42.12 2.68
CA ALA A 149 11.79 42.66 1.99
C ALA A 149 10.84 43.41 2.92
N GLY A 150 10.92 43.17 4.23
CA GLY A 150 10.06 43.87 5.17
C GLY A 150 8.62 43.43 5.18
N ALA A 151 8.37 42.13 5.00
CA ALA A 151 7.00 41.63 4.96
C ALA A 151 6.29 41.78 6.30
N ALA A 152 7.02 41.87 7.40
CA ALA A 152 6.40 42.03 8.71
C ALA A 152 5.59 43.32 8.80
N GLU A 153 6.03 44.38 8.13
CA GLU A 153 5.29 45.64 8.17
C GLU A 153 3.91 45.48 7.52
N ARG A 154 3.87 44.87 6.34
CA ARG A 154 2.60 44.66 5.65
C ARG A 154 1.70 43.71 6.43
N ASP A 155 2.28 42.64 6.99
CA ASP A 155 1.50 41.68 7.74
C ASP A 155 0.90 42.32 8.99
N ARG A 156 1.69 43.13 9.70
CA ARG A 156 1.17 43.84 10.86
C ARG A 156 0.13 44.87 10.46
N ALA A 157 0.28 45.48 9.28
CA ALA A 157 -0.74 46.40 8.79
C ALA A 157 -2.07 45.67 8.59
N TYR A 158 -2.02 44.45 8.08
CA TYR A 158 -3.26 43.67 7.96
C TYR A 158 -3.81 43.30 9.34
N LEU A 159 -2.95 42.77 10.22
CA LEU A 159 -3.42 42.23 11.49
C LEU A 159 -3.98 43.32 12.41
N GLU A 160 -3.43 44.53 12.34
CA GLU A 160 -3.88 45.61 13.22
C GLU A 160 -5.00 46.43 12.63
N GLY A 161 -5.15 46.47 11.31
CA GLY A 161 -6.16 47.29 10.68
C GLY A 161 -7.30 46.52 10.06
N GLU A 162 -7.05 45.93 8.88
CA GLU A 162 -8.10 45.25 8.14
C GLU A 162 -8.77 44.16 8.97
N CYS A 163 -7.97 43.35 9.66
CA CYS A 163 -8.50 42.22 10.41
C CYS A 163 -9.44 42.68 11.52
N VAL A 164 -9.02 43.69 12.29
CA VAL A 164 -9.83 44.17 13.40
C VAL A 164 -11.12 44.80 12.91
N GLU A 165 -11.02 45.62 11.86
CA GLU A 165 -12.22 46.28 11.33
C GLU A 165 -13.21 45.25 10.79
N TRP A 166 -12.72 44.26 10.06
CA TRP A 166 -13.63 43.25 9.52
C TRP A 166 -14.20 42.36 10.61
N LEU A 167 -13.44 42.12 11.69
CA LEU A 167 -14.01 41.38 12.81
C LEU A 167 -15.13 42.16 13.48
N ARG A 168 -14.92 43.47 13.68
CA ARG A 168 -15.99 44.32 14.22
C ARG A 168 -17.21 44.28 13.31
N ARG A 169 -17.00 44.37 12.00
CA ARG A 169 -18.13 44.33 11.07
C ARG A 169 -18.86 42.99 11.15
N TYR A 170 -18.11 41.89 11.20
CA TYR A 170 -18.75 40.57 11.24
C TYR A 170 -19.56 40.40 12.52
N LEU A 171 -19.01 40.81 13.66
CA LEU A 171 -19.78 40.76 14.90
C LEU A 171 -21.04 41.61 14.79
N LYS A 172 -20.92 42.82 14.24
CA LYS A 172 -22.08 43.70 14.12
C LYS A 172 -23.17 43.07 13.26
N ASN A 173 -22.79 42.49 12.11
CA ASN A 173 -23.77 41.94 11.19
C ASN A 173 -24.39 40.65 11.73
N GLY A 174 -23.55 39.73 12.21
CA GLY A 174 -24.05 38.45 12.68
C GLY A 174 -24.33 38.38 14.16
N ASN A 175 -24.53 39.54 14.80
CA ASN A 175 -25.03 39.65 16.17
C ASN A 175 -25.96 38.51 16.59
N ALA A 176 -26.93 38.18 15.73
CA ALA A 176 -27.95 37.20 16.10
C ALA A 176 -27.36 35.81 16.30
N THR A 177 -26.24 35.50 15.66
CA THR A 177 -25.60 34.18 15.77
C THR A 177 -24.34 34.22 16.62
N LEU A 178 -23.40 35.10 16.29
CA LEU A 178 -22.08 35.06 16.89
C LEU A 178 -22.12 35.42 18.37
N LEU A 179 -22.86 36.45 18.75
CA LEU A 179 -22.87 36.90 20.13
C LEU A 179 -23.99 36.29 20.97
N ARG A 180 -24.76 35.36 20.41
CA ARG A 180 -25.74 34.63 21.22
C ARG A 180 -25.01 33.78 22.25
N THR A 181 -25.73 33.46 23.33
CA THR A 181 -25.25 32.54 24.35
C THR A 181 -26.34 31.52 24.62
N ASP A 182 -26.04 30.24 24.39
CA ASP A 182 -27.02 29.18 24.58
C ASP A 182 -26.67 28.38 25.83
N PRO A 183 -27.60 28.22 26.75
CA PRO A 183 -27.29 27.48 27.98
C PRO A 183 -27.15 26.00 27.69
N PRO A 184 -26.24 25.32 28.38
CA PRO A 184 -26.09 23.86 28.19
C PRO A 184 -27.22 23.10 28.89
N LYS A 185 -27.80 22.14 28.18
CA LYS A 185 -28.73 21.20 28.79
C LYS A 185 -27.93 19.99 29.26
N ALA A 186 -28.01 19.70 30.56
CA ALA A 186 -27.13 18.73 31.18
C ALA A 186 -27.94 17.65 31.91
N HIS A 187 -27.38 16.45 31.96
CA HIS A 187 -28.02 15.34 32.64
C HIS A 187 -26.97 14.26 32.94
N VAL A 188 -27.30 13.39 33.88
CA VAL A 188 -26.39 12.37 34.37
C VAL A 188 -26.95 10.98 34.06
N THR A 189 -26.14 10.15 33.42
CA THR A 189 -26.48 8.79 33.06
C THR A 189 -25.66 7.81 33.89
N HIS A 190 -26.17 6.58 33.96
CA HIS A 190 -25.69 5.55 34.86
C HIS A 190 -25.45 4.26 34.08
N HIS A 191 -24.34 3.59 34.38
CA HIS A 191 -24.05 2.30 33.74
C HIS A 191 -23.43 1.35 34.75
N ARG A 192 -23.82 0.08 34.69
CA ARG A 192 -23.27 -0.93 35.58
C ARG A 192 -22.08 -1.59 34.90
N ARG A 193 -20.89 -1.40 35.46
CA ARG A 193 -19.70 -2.06 34.95
C ARG A 193 -19.76 -3.56 35.25
N PRO A 194 -19.00 -4.38 34.51
CA PRO A 194 -19.02 -5.83 34.78
C PRO A 194 -18.63 -6.19 36.21
N GLU A 195 -18.01 -5.26 36.95
CA GLU A 195 -17.67 -5.52 38.35
C GLU A 195 -18.73 -4.93 39.28
N GLY A 196 -18.33 -4.59 40.50
CA GLY A 196 -19.24 -3.97 41.44
C GLY A 196 -19.35 -2.46 41.33
N ASP A 197 -18.46 -1.83 40.57
CA ASP A 197 -18.48 -0.39 40.38
C ASP A 197 -19.42 -0.01 39.24
N VAL A 198 -19.76 1.28 39.17
CA VAL A 198 -20.63 1.79 38.13
C VAL A 198 -20.02 3.06 37.55
N THR A 199 -20.36 3.34 36.30
CA THR A 199 -19.87 4.50 35.58
C THR A 199 -20.95 5.57 35.57
N LEU A 200 -20.64 6.74 36.15
CA LEU A 200 -21.47 7.92 36.12
C LEU A 200 -20.99 8.83 35.00
N ARG A 201 -21.95 9.39 34.25
CA ARG A 201 -21.63 10.15 33.04
C ARG A 201 -22.40 11.45 33.05
N CYS A 202 -21.70 12.58 33.04
CA CYS A 202 -22.30 13.90 33.08
C CYS A 202 -22.19 14.54 31.70
N TRP A 203 -23.34 14.85 31.10
CA TRP A 203 -23.39 15.39 29.75
C TRP A 203 -23.66 16.89 29.78
N ALA A 204 -23.35 17.54 28.66
CA ALA A 204 -23.69 18.94 28.43
C ALA A 204 -23.88 19.11 26.93
N LEU A 205 -25.11 19.39 26.51
CA LEU A 205 -25.48 19.43 25.11
C LEU A 205 -26.05 20.79 24.74
N GLY A 206 -25.82 21.20 23.50
CA GLY A 206 -26.53 22.34 22.96
C GLY A 206 -26.13 23.68 23.53
N PHE A 207 -24.85 23.89 23.81
CA PHE A 207 -24.37 25.15 24.35
C PHE A 207 -23.54 25.89 23.31
N TYR A 208 -23.49 27.21 23.45
CA TYR A 208 -22.71 28.07 22.59
C TYR A 208 -22.40 29.34 23.37
N PRO A 209 -21.14 29.81 23.34
CA PRO A 209 -20.00 29.24 22.60
C PRO A 209 -19.43 27.97 23.23
N ALA A 210 -18.35 27.45 22.68
CA ALA A 210 -17.82 26.15 23.11
C ALA A 210 -17.14 26.20 24.47
N ASP A 211 -16.88 27.38 25.02
CA ASP A 211 -16.18 27.49 26.29
C ASP A 211 -17.10 27.01 27.42
N ILE A 212 -16.77 25.84 27.98
CA ILE A 212 -17.52 25.25 29.07
C ILE A 212 -16.54 24.50 29.97
N THR A 213 -16.92 24.32 31.23
CA THR A 213 -16.14 23.50 32.16
C THR A 213 -17.05 22.50 32.84
N LEU A 214 -16.71 21.23 32.72
CA LEU A 214 -17.42 20.13 33.35
C LEU A 214 -16.50 19.50 34.39
N THR A 215 -16.92 19.52 35.65
CA THR A 215 -16.10 18.93 36.71
C THR A 215 -16.96 18.02 37.59
N TRP A 216 -16.30 17.08 38.26
CA TRP A 216 -16.96 16.14 39.16
C TRP A 216 -16.40 16.37 40.56
N GLN A 217 -17.21 16.94 41.45
CA GLN A 217 -16.84 17.01 42.85
C GLN A 217 -17.44 15.79 43.56
N LEU A 218 -16.61 15.11 44.35
CA LEU A 218 -17.04 13.91 45.06
C LEU A 218 -17.87 14.26 46.27
N ASN A 219 -17.60 13.61 47.40
CA ASN A 219 -18.30 13.92 48.64
C ASN A 219 -18.08 15.37 49.04
N GLY A 220 -16.90 15.92 48.74
CA GLY A 220 -16.62 17.32 49.01
C GLY A 220 -16.22 18.07 47.76
N GLU A 221 -14.99 17.85 47.29
CA GLU A 221 -14.51 18.50 46.09
C GLU A 221 -13.35 17.67 45.52
N GLU A 222 -12.43 18.34 44.81
CA GLU A 222 -11.22 17.74 44.25
C GLU A 222 -11.51 16.74 43.13
N LEU A 223 -10.51 16.47 42.30
CA LEU A 223 -10.64 15.48 41.23
C LEU A 223 -10.21 14.10 41.75
N THR A 224 -8.91 13.95 42.00
CA THR A 224 -8.35 12.76 42.67
C THR A 224 -8.73 11.47 41.97
N GLN A 225 -8.93 11.54 40.65
CA GLN A 225 -9.29 10.35 39.88
C GLN A 225 -8.96 10.59 38.42
N GLU A 226 -8.77 9.50 37.69
CA GLU A 226 -8.54 9.56 36.24
C GLU A 226 -9.87 9.71 35.52
N MET A 227 -10.52 10.86 35.78
CA MET A 227 -11.81 11.15 35.16
C MET A 227 -11.68 11.19 33.65
N GLU A 228 -12.59 10.51 32.96
CA GLU A 228 -12.64 10.57 31.51
C GLU A 228 -13.31 11.85 31.07
N LEU A 229 -12.76 12.48 30.03
CA LEU A 229 -13.26 13.77 29.58
C LEU A 229 -12.89 13.93 28.10
N VAL A 230 -13.90 13.96 27.23
CA VAL A 230 -13.68 14.12 25.81
C VAL A 230 -13.63 15.60 25.46
N GLU A 231 -13.00 15.92 24.33
CA GLU A 231 -12.91 17.30 23.89
C GLU A 231 -14.28 17.82 23.47
N THR A 232 -14.47 19.12 23.61
CA THR A 232 -15.71 19.75 23.16
C THR A 232 -15.89 19.51 21.67
N ARG A 233 -16.94 18.79 21.32
CA ARG A 233 -17.19 18.47 19.93
C ARG A 233 -18.40 19.24 19.40
N PRO A 234 -18.46 19.49 18.10
CA PRO A 234 -19.62 20.21 17.56
C PRO A 234 -20.75 19.29 17.15
N ALA A 235 -21.98 19.64 17.54
CA ALA A 235 -23.14 18.84 17.14
C ALA A 235 -23.51 19.02 15.68
N GLY A 236 -22.91 19.99 14.99
CA GLY A 236 -23.20 20.22 13.59
C GLY A 236 -24.35 21.16 13.30
N ASP A 237 -24.88 21.83 14.32
CA ASP A 237 -25.97 22.79 14.13
C ASP A 237 -25.68 24.14 14.77
N GLY A 238 -24.43 24.40 15.15
CA GLY A 238 -24.04 25.63 15.81
C GLY A 238 -23.76 25.48 17.29
N THR A 239 -24.30 24.45 17.92
CA THR A 239 -24.08 24.18 19.34
C THR A 239 -22.97 23.15 19.52
N PHE A 240 -22.61 22.92 20.78
CA PHE A 240 -21.49 22.05 21.10
C PHE A 240 -21.89 21.03 22.16
N GLN A 241 -20.97 20.11 22.41
CA GLN A 241 -21.22 18.97 23.29
C GLN A 241 -19.98 18.64 24.09
N LYS A 242 -20.21 18.17 25.32
CA LYS A 242 -19.11 17.71 26.16
C LYS A 242 -19.67 16.72 27.18
N TRP A 243 -18.78 15.87 27.70
CA TRP A 243 -19.18 15.02 28.80
C TRP A 243 -17.97 14.57 29.59
N ALA A 244 -18.20 14.27 30.87
CA ALA A 244 -17.18 13.79 31.78
C ALA A 244 -17.73 12.61 32.55
N SER A 245 -16.97 11.51 32.58
CA SER A 245 -17.39 10.31 33.27
C SER A 245 -16.44 9.98 34.41
N VAL A 246 -16.96 9.23 35.37
CA VAL A 246 -16.20 8.83 36.56
C VAL A 246 -16.71 7.46 36.99
N VAL A 247 -15.90 6.75 37.75
CA VAL A 247 -16.28 5.46 38.32
C VAL A 247 -16.60 5.66 39.80
N VAL A 248 -17.57 4.91 40.30
CA VAL A 248 -18.03 5.09 41.67
C VAL A 248 -18.58 3.76 42.18
N PRO A 249 -18.31 3.39 43.44
CA PRO A 249 -18.85 2.14 43.98
C PRO A 249 -20.36 2.17 44.05
N LEU A 250 -20.97 0.99 44.01
CA LEU A 250 -22.42 0.85 44.04
C LEU A 250 -22.99 1.36 45.36
N GLY A 251 -23.62 2.53 45.32
CA GLY A 251 -24.24 3.09 46.52
C GLY A 251 -23.92 4.56 46.74
N LYS A 252 -22.76 5.01 46.26
CA LYS A 252 -22.31 6.37 46.47
C LYS A 252 -22.81 7.35 45.41
N GLU A 253 -23.82 6.95 44.63
CA GLU A 253 -24.32 7.82 43.56
C GLU A 253 -24.88 9.12 44.13
N GLN A 254 -25.53 9.06 45.29
CA GLN A 254 -26.05 10.26 45.91
C GLN A 254 -24.97 11.13 46.55
N LYS A 255 -23.71 10.69 46.54
CA LYS A 255 -22.62 11.45 47.13
C LYS A 255 -21.72 12.12 46.10
N TYR A 256 -22.08 12.05 44.83
CA TYR A 256 -21.28 12.62 43.74
C TYR A 256 -22.08 13.72 43.04
N THR A 257 -21.37 14.78 42.65
CA THR A 257 -22.01 15.92 42.01
C THR A 257 -21.20 16.38 40.81
N CYS A 258 -21.91 16.82 39.78
CA CYS A 258 -21.33 17.38 38.57
C CYS A 258 -21.57 18.88 38.55
N HIS A 259 -20.57 19.64 38.12
CA HIS A 259 -20.65 21.09 38.06
C HIS A 259 -20.40 21.53 36.62
N VAL A 260 -21.38 22.23 36.08
CA VAL A 260 -21.36 22.77 34.72
C VAL A 260 -21.20 24.28 34.84
N GLU A 261 -20.09 24.79 34.35
CA GLU A 261 -19.79 26.21 34.37
C GLU A 261 -19.74 26.70 32.92
N HIS A 262 -20.74 27.48 32.53
CA HIS A 262 -20.85 27.99 31.17
C HIS A 262 -21.22 29.46 31.23
N GLU A 263 -20.72 30.23 30.24
CA GLU A 263 -20.95 31.67 30.26
C GLU A 263 -22.39 32.04 29.97
N GLY A 264 -23.18 31.14 29.40
CA GLY A 264 -24.59 31.36 29.18
C GLY A 264 -25.49 30.96 30.33
N LEU A 265 -24.91 30.68 31.50
CA LEU A 265 -25.67 30.26 32.66
C LEU A 265 -25.61 31.33 33.74
N PRO A 266 -26.74 31.68 34.37
CA PRO A 266 -26.69 32.63 35.48
C PRO A 266 -25.97 32.04 36.68
N GLU A 267 -26.31 30.81 37.02
CA GLU A 267 -25.70 30.10 38.14
C GLU A 267 -25.22 28.74 37.63
N PRO A 268 -23.93 28.42 37.80
CA PRO A 268 -23.43 27.08 37.45
C PRO A 268 -24.34 25.95 37.93
N LEU A 269 -24.46 24.89 37.12
CA LEU A 269 -25.34 23.79 37.46
C LEU A 269 -24.63 22.78 38.35
N THR A 270 -25.30 22.39 39.43
CA THR A 270 -24.92 21.23 40.22
C THR A 270 -25.90 20.11 39.92
N LEU A 271 -25.36 18.92 39.67
CA LEU A 271 -26.15 17.81 39.15
C LEU A 271 -25.82 16.52 39.85
N ARG A 272 -26.80 15.62 39.88
CA ARG A 272 -26.67 14.24 40.34
C ARG A 272 -27.99 13.55 40.05
N TRP A 273 -27.93 12.37 39.44
CA TRP A 273 -29.16 11.71 39.03
C TRP A 273 -29.88 11.09 40.22
N TYR B 1 4.63 14.25 4.58
CA TYR B 1 5.87 13.52 4.37
C TYR B 1 6.88 13.83 5.47
N ALA B 2 6.47 13.62 6.72
CA ALA B 2 7.35 13.84 7.87
C ALA B 2 6.82 13.11 9.10
N ILE B 3 6.00 13.80 9.90
CA ILE B 3 5.48 13.24 11.13
C ILE B 3 4.19 12.48 10.87
N GLN B 4 3.70 11.77 11.89
CA GLN B 4 2.49 10.97 11.78
C GLN B 4 1.68 11.17 13.06
N LYS B 5 0.45 11.66 12.92
CA LYS B 5 -0.48 11.76 14.02
C LYS B 5 -1.65 10.82 13.73
N THR B 6 -1.94 9.91 14.67
CA THR B 6 -3.00 8.95 14.45
C THR B 6 -4.36 9.62 14.73
N PRO B 7 -5.32 9.50 13.81
CA PRO B 7 -6.61 10.16 14.01
C PRO B 7 -7.35 9.63 15.23
N GLN B 8 -8.10 10.53 15.87
CA GLN B 8 -8.99 10.22 16.98
C GLN B 8 -10.42 10.35 16.50
N ILE B 9 -11.26 9.38 16.84
CA ILE B 9 -12.62 9.29 16.31
C ILE B 9 -13.62 9.37 17.45
N GLN B 10 -14.68 10.14 17.25
CA GLN B 10 -15.84 10.17 18.14
C GLN B 10 -17.10 10.07 17.30
N VAL B 11 -17.96 9.11 17.63
CA VAL B 11 -19.25 8.94 16.96
C VAL B 11 -20.35 9.33 17.94
N TYR B 12 -21.27 10.18 17.51
CA TYR B 12 -22.34 10.62 18.39
C TYR B 12 -23.48 11.17 17.53
N SER B 13 -24.44 11.82 18.19
CA SER B 13 -25.56 12.46 17.51
C SER B 13 -25.84 13.78 18.19
N ARG B 14 -26.53 14.68 17.46
CA ARG B 14 -26.89 15.97 18.02
C ARG B 14 -27.83 15.79 19.21
N HIS B 15 -29.11 15.64 18.91
CA HIS B 15 -30.11 15.50 19.95
C HIS B 15 -30.05 14.10 20.57
N PRO B 16 -30.49 13.96 21.82
CA PRO B 16 -30.46 12.64 22.47
C PRO B 16 -31.20 11.61 21.63
N PRO B 17 -30.76 10.36 21.67
CA PRO B 17 -31.36 9.34 20.77
C PRO B 17 -32.78 9.01 21.18
N GLU B 18 -33.69 9.12 20.22
CA GLU B 18 -35.10 8.77 20.41
C GLU B 18 -35.51 7.84 19.28
N ASN B 19 -36.01 6.67 19.62
CA ASN B 19 -36.39 5.68 18.62
C ASN B 19 -37.49 6.23 17.71
N GLY B 20 -37.26 6.15 16.40
CA GLY B 20 -38.20 6.62 15.41
C GLY B 20 -38.03 8.08 15.02
N LYS B 21 -37.47 8.89 15.91
CA LYS B 21 -37.25 10.30 15.60
C LYS B 21 -35.96 10.44 14.79
N PRO B 22 -36.02 10.96 13.56
CA PRO B 22 -34.79 11.17 12.79
C PRO B 22 -33.85 12.14 13.48
N ASN B 23 -32.57 12.02 13.16
CA ASN B 23 -31.50 12.71 13.85
C ASN B 23 -30.30 12.76 12.91
N ILE B 24 -29.22 13.35 13.38
CA ILE B 24 -27.96 13.44 12.64
C ILE B 24 -26.91 12.64 13.40
N LEU B 25 -26.21 11.75 12.70
CA LEU B 25 -25.06 11.04 13.25
C LEU B 25 -23.79 11.72 12.78
N ASN B 26 -22.88 11.99 13.73
CA ASN B 26 -21.63 12.67 13.49
C ASN B 26 -20.46 11.75 13.79
N CYS B 27 -19.46 11.82 12.91
CA CYS B 27 -18.15 11.23 13.10
C CYS B 27 -17.14 12.37 13.12
N TYR B 28 -16.58 12.63 14.30
CA TYR B 28 -15.62 13.72 14.53
C TYR B 28 -14.22 13.11 14.56
N VAL B 29 -13.39 13.45 13.58
CA VAL B 29 -12.06 12.87 13.43
C VAL B 29 -11.05 13.99 13.57
N THR B 30 -10.21 13.90 14.60
CA THR B 30 -9.31 14.99 14.96
C THR B 30 -7.89 14.50 15.14
N GLN B 31 -6.94 15.44 15.07
CA GLN B 31 -5.56 15.22 15.50
C GLN B 31 -4.84 14.21 14.61
N PHE B 32 -4.86 14.45 13.30
CA PHE B 32 -4.18 13.56 12.36
C PHE B 32 -3.37 14.35 11.36
N HIS B 33 -2.29 13.72 10.89
CA HIS B 33 -1.41 14.22 9.84
C HIS B 33 -0.80 12.98 9.20
N PRO B 34 -0.69 12.94 7.85
CA PRO B 34 -1.05 13.93 6.83
C PRO B 34 -2.55 14.19 6.73
N PRO B 35 -2.98 15.24 6.01
CA PRO B 35 -4.42 15.54 5.92
C PRO B 35 -5.21 14.57 5.06
N HIS B 36 -4.56 13.74 4.25
CA HIS B 36 -5.28 12.76 3.45
C HIS B 36 -5.91 11.71 4.37
N ILE B 37 -7.24 11.59 4.33
CA ILE B 37 -7.97 10.67 5.20
C ILE B 37 -9.23 10.20 4.47
N GLU B 38 -9.76 9.07 4.90
CA GLU B 38 -10.99 8.51 4.32
C GLU B 38 -11.94 8.12 5.44
N ILE B 39 -13.17 8.63 5.38
CA ILE B 39 -14.16 8.39 6.42
C ILE B 39 -15.45 7.86 5.78
N GLN B 40 -15.94 6.74 6.30
CA GLN B 40 -17.18 6.14 5.85
C GLN B 40 -18.10 5.93 7.04
N MET B 41 -19.39 6.13 6.83
CA MET B 41 -20.39 5.91 7.87
C MET B 41 -21.21 4.68 7.49
N LEU B 42 -21.22 3.69 8.36
CA LEU B 42 -21.88 2.41 8.10
C LEU B 42 -23.12 2.27 8.97
N LYS B 43 -24.18 1.74 8.37
CA LYS B 43 -25.39 1.33 9.09
C LYS B 43 -25.55 -0.17 8.89
N ASN B 44 -25.51 -0.93 9.99
CA ASN B 44 -25.56 -2.39 9.94
C ASN B 44 -24.45 -2.96 9.05
N GLY B 45 -23.27 -2.35 9.14
CA GLY B 45 -22.13 -2.79 8.36
C GLY B 45 -22.16 -2.42 6.89
N LYS B 46 -23.21 -1.75 6.42
CA LYS B 46 -23.33 -1.34 5.04
C LYS B 46 -23.10 0.16 4.92
N LYS B 47 -22.50 0.58 3.81
CA LYS B 47 -22.15 1.98 3.63
C LYS B 47 -23.39 2.85 3.45
N ILE B 48 -23.42 3.98 4.14
CA ILE B 48 -24.53 4.93 4.03
C ILE B 48 -24.30 5.80 2.80
N PRO B 49 -25.32 6.03 1.96
CA PRO B 49 -25.12 6.80 0.73
C PRO B 49 -24.70 8.25 0.97
N LYS B 50 -25.67 9.12 1.29
CA LYS B 50 -25.42 10.56 1.39
C LYS B 50 -24.69 10.86 2.68
N VAL B 51 -23.38 11.07 2.60
CA VAL B 51 -22.55 11.40 3.76
C VAL B 51 -21.90 12.75 3.48
N GLU B 52 -22.18 13.73 4.33
CA GLU B 52 -21.68 15.08 4.15
C GLU B 52 -20.49 15.33 5.07
N MET B 53 -19.57 16.19 4.60
CA MET B 53 -18.31 16.40 5.28
C MET B 53 -18.08 17.89 5.48
N SER B 54 -17.71 18.27 6.71
CA SER B 54 -17.27 19.63 6.97
C SER B 54 -15.94 19.89 6.26
N ASP B 55 -15.68 21.16 5.98
CA ASP B 55 -14.45 21.54 5.30
C ASP B 55 -13.25 21.30 6.21
N MET B 56 -12.21 20.68 5.65
CA MET B 56 -11.05 20.31 6.45
C MET B 56 -10.27 21.55 6.85
N SER B 57 -9.99 21.66 8.16
CA SER B 57 -9.12 22.69 8.69
C SER B 57 -8.32 22.09 9.84
N PHE B 58 -7.36 22.85 10.32
CA PHE B 58 -6.45 22.38 11.36
C PHE B 58 -6.60 23.22 12.62
N SER B 59 -5.90 22.80 13.67
CA SER B 59 -5.91 23.46 14.95
C SER B 59 -4.58 24.17 15.19
N LYS B 60 -4.34 24.59 16.44
CA LYS B 60 -3.16 25.39 16.74
C LYS B 60 -1.87 24.61 16.48
N ASP B 61 -1.88 23.32 16.79
CA ASP B 61 -0.69 22.48 16.63
C ASP B 61 -0.60 21.84 15.25
N TRP B 62 -1.29 22.40 14.25
CA TRP B 62 -1.28 21.98 12.86
C TRP B 62 -1.88 20.58 12.64
N SER B 63 -2.59 20.04 13.62
CA SER B 63 -3.24 18.75 13.46
C SER B 63 -4.61 18.96 12.84
N PHE B 64 -4.89 18.24 11.75
CA PHE B 64 -6.13 18.41 11.02
C PHE B 64 -7.30 17.76 11.75
N TYR B 65 -8.49 18.32 11.54
CA TYR B 65 -9.72 17.75 12.04
C TYR B 65 -10.79 17.86 10.95
N ILE B 66 -11.88 17.12 11.14
CA ILE B 66 -12.95 17.05 10.16
C ILE B 66 -14.18 16.42 10.80
N LEU B 67 -15.36 16.74 10.26
CA LEU B 67 -16.62 16.26 10.82
C LEU B 67 -17.49 15.72 9.69
N ALA B 68 -17.73 14.42 9.70
CA ALA B 68 -18.69 13.80 8.79
C ALA B 68 -20.04 13.67 9.50
N HIS B 69 -21.12 13.76 8.73
CA HIS B 69 -22.45 13.68 9.33
C HIS B 69 -23.44 13.16 8.29
N THR B 70 -24.45 12.45 8.79
CA THR B 70 -25.51 11.95 7.91
C THR B 70 -26.82 11.91 8.68
N GLU B 71 -27.92 11.86 7.92
CA GLU B 71 -29.23 11.67 8.51
C GLU B 71 -29.43 10.21 8.86
N PHE B 72 -30.07 9.95 10.01
CA PHE B 72 -30.34 8.58 10.41
C PHE B 72 -31.52 8.56 11.36
N THR B 73 -32.30 7.49 11.30
CA THR B 73 -33.44 7.32 12.21
C THR B 73 -33.11 6.17 13.18
N PRO B 74 -32.67 6.47 14.39
CA PRO B 74 -32.22 5.40 15.29
C PRO B 74 -33.38 4.52 15.74
N THR B 75 -33.18 3.21 15.60
CA THR B 75 -34.06 2.21 16.19
C THR B 75 -33.26 1.42 17.22
N GLU B 76 -33.93 0.46 17.87
CA GLU B 76 -33.25 -0.31 18.91
C GLU B 76 -32.42 -1.45 18.35
N THR B 77 -32.63 -1.85 17.10
CA THR B 77 -31.93 -2.97 16.51
C THR B 77 -30.92 -2.58 15.44
N ASP B 78 -30.92 -1.32 15.00
CA ASP B 78 -29.99 -0.89 13.97
C ASP B 78 -28.64 -0.51 14.58
N THR B 79 -27.56 -0.92 13.92
CA THR B 79 -26.20 -0.65 14.35
C THR B 79 -25.58 0.39 13.44
N TYR B 80 -24.93 1.39 14.04
CA TYR B 80 -24.28 2.47 13.31
C TYR B 80 -22.83 2.57 13.75
N ALA B 81 -21.95 2.89 12.81
CA ALA B 81 -20.52 2.97 13.10
C ALA B 81 -19.83 3.86 12.08
N CYS B 82 -18.55 4.12 12.33
CA CYS B 82 -17.72 4.98 11.48
C CYS B 82 -16.38 4.30 11.26
N ARG B 83 -16.03 4.09 9.99
CA ARG B 83 -14.77 3.48 9.60
C ARG B 83 -13.84 4.54 9.02
N VAL B 84 -12.60 4.53 9.46
CA VAL B 84 -11.60 5.52 9.10
C VAL B 84 -10.37 4.80 8.54
N LYS B 85 -9.84 5.34 7.45
CA LYS B 85 -8.58 4.91 6.85
C LYS B 85 -7.63 6.10 6.82
N HIS B 86 -6.41 5.89 7.31
CA HIS B 86 -5.39 6.93 7.34
C HIS B 86 -4.02 6.30 7.26
N ALA B 87 -3.06 7.05 6.70
CA ALA B 87 -1.73 6.52 6.44
C ALA B 87 -0.97 6.16 7.71
N SER B 88 -1.42 6.63 8.87
CA SER B 88 -0.74 6.37 10.13
C SER B 88 -1.18 5.07 10.79
N MET B 89 -2.24 4.44 10.32
CA MET B 89 -2.78 3.23 10.93
C MET B 89 -2.57 2.02 10.01
N ALA B 90 -2.28 0.88 10.62
CA ALA B 90 -2.04 -0.33 9.85
C ALA B 90 -3.30 -0.86 9.19
N GLU B 91 -4.49 -0.49 9.71
CA GLU B 91 -5.75 -1.09 9.29
C GLU B 91 -6.88 -0.11 9.59
N PRO B 92 -7.98 -0.16 8.82
CA PRO B 92 -9.06 0.84 8.97
C PRO B 92 -9.80 0.68 10.30
N LYS B 93 -9.69 1.69 11.16
CA LYS B 93 -10.35 1.63 12.46
C LYS B 93 -11.85 1.83 12.34
N THR B 94 -12.62 1.03 13.08
CA THR B 94 -14.07 1.17 13.13
C THR B 94 -14.49 1.50 14.57
N VAL B 95 -15.27 2.55 14.72
CA VAL B 95 -15.82 2.95 16.02
C VAL B 95 -17.33 2.90 15.91
N TYR B 96 -17.95 2.07 16.75
CA TYR B 96 -19.40 1.90 16.73
C TYR B 96 -20.07 3.00 17.55
N TRP B 97 -21.29 3.34 17.15
CA TRP B 97 -22.06 4.36 17.86
C TRP B 97 -22.67 3.75 19.12
N ASP B 98 -22.37 4.36 20.26
CA ASP B 98 -22.97 3.98 21.53
C ASP B 98 -24.04 5.02 21.89
N ARG B 99 -25.27 4.56 22.06
CA ARG B 99 -26.36 5.48 22.41
C ARG B 99 -26.22 6.07 23.81
N ASP B 100 -25.21 5.64 24.58
CA ASP B 100 -24.97 6.17 25.91
C ASP B 100 -23.58 6.80 26.07
N MET B 101 -22.73 6.72 25.05
CA MET B 101 -21.41 7.34 25.08
C MET B 101 -21.18 8.18 23.82
N VAL C 1 13.06 3.45 -3.96
CA VAL C 1 13.66 3.18 -5.26
C VAL C 1 14.39 1.83 -5.25
N GLN C 2 14.78 1.33 -4.08
CA GLN C 2 15.51 0.08 -4.02
C GLN C 2 15.19 -0.69 -2.74
N LEU C 3 14.94 -1.99 -2.88
CA LEU C 3 14.59 -2.85 -1.75
C LEU C 3 15.37 -4.15 -1.92
N GLN C 4 16.48 -4.29 -1.19
CA GLN C 4 17.39 -5.41 -1.37
C GLN C 4 17.20 -6.44 -0.26
N GLN C 5 16.83 -7.67 -0.64
CA GLN C 5 16.58 -8.73 0.33
C GLN C 5 17.80 -9.63 0.47
N SER C 6 17.79 -10.42 1.54
CA SER C 6 18.88 -11.35 1.83
C SER C 6 18.85 -12.54 0.88
N GLY C 7 19.97 -13.26 0.83
CA GLY C 7 20.14 -14.36 -0.09
C GLY C 7 19.32 -15.58 0.26
N PRO C 8 19.33 -16.58 -0.61
CA PRO C 8 18.48 -17.76 -0.41
C PRO C 8 18.92 -18.55 0.82
N VAL C 9 17.94 -19.14 1.50
CA VAL C 9 18.17 -19.82 2.77
C VAL C 9 17.62 -21.23 2.70
N LEU C 10 18.32 -22.16 3.36
CA LEU C 10 17.89 -23.55 3.54
C LEU C 10 17.98 -23.89 5.01
N VAL C 11 16.85 -24.32 5.59
CA VAL C 11 16.79 -24.63 7.02
C VAL C 11 16.14 -25.99 7.21
N LYS C 12 16.38 -26.56 8.40
CA LYS C 12 15.79 -27.83 8.79
C LYS C 12 14.38 -27.61 9.35
N PRO C 13 13.53 -28.62 9.27
CA PRO C 13 12.18 -28.47 9.85
C PRO C 13 12.23 -28.15 11.33
N GLY C 14 11.20 -27.43 11.79
CA GLY C 14 11.10 -27.05 13.18
C GLY C 14 12.09 -26.00 13.63
N ALA C 15 12.85 -25.40 12.71
CA ALA C 15 13.81 -24.37 13.04
C ALA C 15 13.23 -22.99 12.76
N SER C 16 14.05 -21.96 12.98
CA SER C 16 13.67 -20.59 12.73
C SER C 16 14.63 -19.97 11.71
N VAL C 17 14.19 -18.89 11.08
CA VAL C 17 15.00 -18.19 10.09
C VAL C 17 14.61 -16.72 10.07
N LYS C 18 15.59 -15.87 9.83
CA LYS C 18 15.38 -14.42 9.83
C LYS C 18 15.83 -13.86 8.49
N MET C 19 14.90 -13.26 7.76
CA MET C 19 15.20 -12.60 6.50
C MET C 19 15.21 -11.11 6.70
N SER C 20 16.07 -10.43 5.93
CA SER C 20 16.23 -8.99 6.00
C SER C 20 15.79 -8.35 4.70
N CYS C 21 15.60 -7.03 4.76
CA CYS C 21 15.09 -6.27 3.62
C CYS C 21 15.57 -4.84 3.81
N LYS C 22 16.59 -4.46 3.06
CA LYS C 22 17.28 -3.18 3.20
C LYS C 22 16.69 -2.19 2.20
N ALA C 23 16.10 -1.12 2.71
CA ALA C 23 15.45 -0.11 1.88
C ALA C 23 16.38 1.06 1.63
N SER C 24 16.26 1.64 0.44
CA SER C 24 17.09 2.78 0.08
C SER C 24 16.38 3.58 -1.01
N GLY C 25 16.60 4.89 -0.99
CA GLY C 25 16.01 5.77 -1.98
C GLY C 25 14.73 6.44 -1.57
N TYR C 26 14.43 6.49 -0.28
CA TYR C 26 13.24 7.16 0.24
C TYR C 26 13.34 7.17 1.76
N THR C 27 12.57 8.06 2.39
CA THR C 27 12.53 8.11 3.84
C THR C 27 11.83 6.85 4.37
N PHE C 28 12.56 6.05 5.16
CA PHE C 28 12.13 4.71 5.51
C PHE C 28 10.86 4.72 6.36
N THR C 29 10.75 5.67 7.29
CA THR C 29 9.61 5.70 8.20
C THR C 29 8.32 6.16 7.52
N ASP C 30 8.40 6.75 6.33
CA ASP C 30 7.23 7.29 5.66
C ASP C 30 6.41 6.24 4.92
N HIS C 31 6.74 4.95 5.05
CA HIS C 31 6.04 3.92 4.32
C HIS C 31 5.95 2.66 5.17
N TYR C 32 4.84 1.96 5.05
CA TYR C 32 4.69 0.65 5.70
C TYR C 32 5.54 -0.39 4.98
N MET C 33 5.72 -1.54 5.63
CA MET C 33 6.54 -2.62 5.11
C MET C 33 5.78 -3.93 5.28
N ASN C 34 5.36 -4.53 4.16
CA ASN C 34 4.63 -5.79 4.17
C ASN C 34 5.53 -6.93 3.70
N TRP C 35 5.10 -8.15 4.00
CA TRP C 35 5.76 -9.35 3.53
C TRP C 35 4.73 -10.26 2.89
N VAL C 36 5.08 -10.81 1.72
CA VAL C 36 4.15 -11.57 0.90
C VAL C 36 4.83 -12.88 0.53
N LYS C 37 4.12 -13.99 0.67
CA LYS C 37 4.66 -15.29 0.27
C LYS C 37 4.12 -15.68 -1.10
N GLN C 38 4.95 -16.35 -1.88
CA GLN C 38 4.59 -16.89 -3.19
C GLN C 38 5.03 -18.34 -3.23
N SER C 39 4.07 -19.25 -3.34
CA SER C 39 4.32 -20.68 -3.31
C SER C 39 4.48 -21.20 -4.73
N PRO C 40 4.99 -22.45 -4.88
CA PRO C 40 5.14 -23.04 -6.22
C PRO C 40 3.92 -22.85 -7.12
N GLY C 41 2.77 -23.35 -6.68
CA GLY C 41 1.55 -23.21 -7.45
C GLY C 41 0.65 -22.11 -6.92
N LYS C 42 -0.03 -22.37 -5.81
CA LYS C 42 -0.92 -21.40 -5.19
C LYS C 42 -0.15 -20.19 -4.70
N SER C 43 -0.22 -19.08 -5.45
CA SER C 43 0.71 -17.97 -5.30
C SER C 43 0.07 -16.78 -4.60
N LEU C 44 0.92 -15.99 -3.95
CA LEU C 44 0.62 -14.64 -3.45
C LEU C 44 -0.34 -14.64 -2.26
N GLU C 45 0.23 -14.56 -1.06
CA GLU C 45 -0.53 -14.45 0.17
C GLU C 45 0.15 -13.44 1.08
N TRP C 46 -0.64 -12.54 1.65
CA TRP C 46 -0.11 -11.47 2.50
C TRP C 46 0.18 -12.03 3.89
N ILE C 47 1.42 -11.84 4.36
CA ILE C 47 1.80 -12.31 5.68
C ILE C 47 1.50 -11.26 6.75
N GLY C 48 1.99 -10.04 6.56
CA GLY C 48 1.75 -8.98 7.52
C GLY C 48 2.52 -7.73 7.14
N GLY C 49 2.44 -6.74 8.03
CA GLY C 49 3.09 -5.46 7.79
C GLY C 49 3.49 -4.79 9.09
N ILE C 50 4.44 -3.86 8.96
CA ILE C 50 4.95 -3.10 10.09
C ILE C 50 5.12 -1.64 9.68
N ASN C 51 4.96 -0.74 10.66
CA ASN C 51 5.19 0.68 10.46
C ASN C 51 6.52 1.05 11.09
N PRO C 52 7.56 1.35 10.31
CA PRO C 52 8.84 1.76 10.91
C PRO C 52 8.75 3.05 11.71
N TYR C 53 7.64 3.80 11.59
CA TYR C 53 7.49 5.03 12.36
C TYR C 53 7.28 4.72 13.84
N ASN C 54 6.34 3.82 14.16
CA ASN C 54 6.00 3.50 15.54
C ASN C 54 5.97 2.01 15.82
N GLY C 55 6.48 1.17 14.92
CA GLY C 55 6.46 -0.26 15.14
C GLY C 55 5.09 -0.90 15.08
N GLY C 56 4.09 -0.19 14.54
CA GLY C 56 2.74 -0.74 14.48
C GLY C 56 2.69 -1.93 13.53
N ILE C 57 2.12 -3.03 14.00
CA ILE C 57 2.17 -4.31 13.29
C ILE C 57 0.75 -4.77 12.97
N SER C 58 0.59 -5.34 11.78
CA SER C 58 -0.62 -6.03 11.35
C SER C 58 -0.23 -7.41 10.87
N TYR C 59 -1.06 -8.42 11.14
CA TYR C 59 -0.75 -9.80 10.77
C TYR C 59 -1.94 -10.47 10.11
N ASN C 60 -1.66 -11.40 9.21
CA ASN C 60 -2.67 -12.30 8.66
C ASN C 60 -2.92 -13.43 9.65
N GLN C 61 -4.20 -13.73 9.90
CA GLN C 61 -4.55 -14.78 10.86
C GLN C 61 -4.00 -16.14 10.43
N LYS C 62 -3.82 -16.36 9.12
CA LYS C 62 -3.28 -17.62 8.65
C LYS C 62 -1.87 -17.87 9.18
N PHE C 63 -1.08 -16.80 9.36
CA PHE C 63 0.31 -16.92 9.77
C PHE C 63 0.55 -16.29 11.14
N LYS C 64 -0.47 -16.20 11.98
CA LYS C 64 -0.28 -15.66 13.32
C LYS C 64 0.46 -16.67 14.19
N GLY C 65 1.52 -16.21 14.85
CA GLY C 65 2.39 -17.08 15.60
C GLY C 65 3.59 -17.58 14.83
N MET C 66 3.55 -17.55 13.51
CA MET C 66 4.66 -18.02 12.68
C MET C 66 5.62 -16.90 12.29
N ALA C 67 5.11 -15.69 12.08
CA ALA C 67 5.91 -14.58 11.58
C ALA C 67 6.07 -13.52 12.65
N THR C 68 7.31 -13.03 12.79
CA THR C 68 7.65 -11.94 13.71
C THR C 68 8.27 -10.83 12.87
N LEU C 69 7.58 -9.70 12.78
CA LEU C 69 8.04 -8.57 11.99
C LEU C 69 8.69 -7.53 12.90
N THR C 70 9.89 -7.08 12.52
CA THR C 70 10.54 -5.97 13.20
C THR C 70 11.13 -5.03 12.15
N ALA C 71 11.46 -3.82 12.59
CA ALA C 71 12.11 -2.87 11.71
C ALA C 71 13.09 -2.05 12.52
N ASP C 72 14.28 -1.83 11.96
CA ASP C 72 15.30 -0.98 12.55
C ASP C 72 15.41 0.29 11.71
N LYS C 73 15.19 1.43 12.35
CA LYS C 73 15.15 2.73 11.67
C LYS C 73 16.54 3.26 11.36
N SER C 74 17.53 2.91 12.19
CA SER C 74 18.89 3.42 11.98
C SER C 74 19.45 2.96 10.65
N SER C 75 19.44 1.66 10.39
CA SER C 75 19.89 1.10 9.12
C SER C 75 18.78 0.99 8.09
N SER C 76 17.58 1.46 8.41
CA SER C 76 16.44 1.42 7.50
C SER C 76 16.25 0.02 6.91
N THR C 77 16.11 -0.95 7.81
CA THR C 77 16.02 -2.35 7.41
C THR C 77 14.85 -3.03 8.11
N ALA C 78 14.07 -3.79 7.36
CA ALA C 78 13.00 -4.60 7.91
C ALA C 78 13.44 -6.05 8.04
N TYR C 79 12.92 -6.72 9.05
CA TYR C 79 13.23 -8.12 9.33
C TYR C 79 11.95 -8.91 9.51
N MET C 80 11.92 -10.11 8.94
CA MET C 80 10.84 -11.06 9.19
C MET C 80 11.45 -12.36 9.70
N GLU C 81 10.90 -12.89 10.78
CA GLU C 81 11.42 -14.09 11.43
C GLU C 81 10.34 -15.15 11.44
N LEU C 82 10.64 -16.29 10.81
CA LEU C 82 9.75 -17.44 10.83
C LEU C 82 10.24 -18.45 11.85
N ASN C 83 9.28 -19.15 12.48
CA ASN C 83 9.60 -20.14 13.49
C ASN C 83 8.74 -21.38 13.26
N SER C 84 9.20 -22.50 13.85
CA SER C 84 8.50 -23.79 13.77
C SER C 84 8.21 -24.17 12.32
N LEU C 85 9.27 -24.19 11.51
CA LEU C 85 9.14 -24.26 10.07
C LEU C 85 8.85 -25.69 9.62
N THR C 86 7.87 -25.84 8.73
CA THR C 86 7.51 -27.10 8.11
C THR C 86 7.88 -27.07 6.63
N SER C 87 7.52 -28.14 5.93
CA SER C 87 7.79 -28.18 4.49
C SER C 87 6.86 -27.25 3.72
N GLU C 88 5.62 -27.07 4.20
CA GLU C 88 4.66 -26.19 3.55
C GLU C 88 5.02 -24.71 3.64
N ASP C 89 6.17 -24.38 4.23
CA ASP C 89 6.64 -23.00 4.31
C ASP C 89 7.70 -22.67 3.27
N SER C 90 8.13 -23.65 2.48
CA SER C 90 9.12 -23.41 1.44
C SER C 90 8.50 -22.59 0.32
N ALA C 91 9.06 -21.40 0.06
CA ALA C 91 8.45 -20.48 -0.90
C ALA C 91 9.37 -19.28 -1.10
N VAL C 92 8.92 -18.34 -1.94
CA VAL C 92 9.62 -17.07 -2.12
C VAL C 92 8.93 -16.02 -1.26
N TYR C 93 9.72 -15.27 -0.50
CA TYR C 93 9.18 -14.27 0.41
C TYR C 93 9.65 -12.89 -0.05
N TYR C 94 8.70 -11.99 -0.28
CA TYR C 94 8.96 -10.64 -0.75
C TYR C 94 8.69 -9.66 0.38
N CYS C 95 9.55 -8.66 0.52
CA CYS C 95 9.19 -7.46 1.25
C CYS C 95 8.69 -6.45 0.24
N VAL C 96 7.53 -5.86 0.52
CA VAL C 96 6.87 -4.94 -0.39
C VAL C 96 6.53 -3.67 0.36
N ARG C 97 6.70 -2.53 -0.30
CA ARG C 97 6.47 -1.24 0.31
C ARG C 97 5.04 -0.78 0.05
N ARG C 98 4.37 -0.32 1.09
CA ARG C 98 3.00 0.17 0.96
C ARG C 98 3.02 1.64 0.56
N ILE C 99 2.07 2.02 -0.30
CA ILE C 99 1.97 3.42 -0.73
C ILE C 99 1.80 4.32 0.48
N GLY C 100 2.44 5.49 0.43
CA GLY C 100 2.46 6.40 1.54
C GLY C 100 1.44 7.53 1.41
N TYR C 101 1.26 8.24 2.53
CA TYR C 101 0.53 9.51 2.59
C TYR C 101 -0.97 9.35 2.38
N TYR C 102 -1.39 8.72 1.28
CA TYR C 102 -2.81 8.54 1.03
C TYR C 102 -3.37 7.41 1.88
N PRO C 103 -4.68 7.43 2.17
CA PRO C 103 -5.30 6.35 2.96
C PRO C 103 -5.59 5.12 2.11
N SER C 104 -4.52 4.43 1.71
CA SER C 104 -4.61 3.24 0.88
C SER C 104 -3.67 2.17 1.43
N TYR C 105 -3.84 0.95 0.94
CA TYR C 105 -3.12 -0.19 1.46
C TYR C 105 -2.42 -1.02 0.39
N PHE C 106 -2.54 -0.66 -0.88
CA PHE C 106 -1.85 -1.39 -1.93
C PHE C 106 -0.35 -1.15 -1.87
N PHE C 107 0.41 -2.07 -2.44
CA PHE C 107 1.85 -1.99 -2.48
C PHE C 107 2.31 -1.43 -3.82
N ASP C 108 3.44 -0.73 -3.81
CA ASP C 108 3.98 -0.19 -5.04
C ASP C 108 5.33 -0.77 -5.43
N TYR C 109 6.25 -0.98 -4.49
CA TYR C 109 7.57 -1.49 -4.79
C TYR C 109 7.78 -2.86 -4.16
N TRP C 110 8.42 -3.76 -4.90
CA TRP C 110 8.66 -5.12 -4.44
C TRP C 110 10.15 -5.41 -4.43
N GLY C 111 10.61 -6.07 -3.36
CA GLY C 111 11.97 -6.55 -3.32
C GLY C 111 12.19 -7.68 -4.30
N GLN C 112 13.46 -8.08 -4.42
CA GLN C 112 13.80 -9.16 -5.35
C GLN C 112 13.26 -10.51 -4.89
N GLY C 113 12.93 -10.66 -3.62
CA GLY C 113 12.44 -11.92 -3.11
C GLY C 113 13.55 -12.82 -2.61
N THR C 114 13.29 -13.55 -1.53
CA THR C 114 14.24 -14.51 -0.98
C THR C 114 13.61 -15.89 -1.01
N THR C 115 14.36 -16.87 -1.51
CA THR C 115 13.86 -18.24 -1.60
C THR C 115 14.21 -18.99 -0.32
N LEU C 116 13.18 -19.54 0.35
CA LEU C 116 13.36 -20.31 1.57
C LEU C 116 13.00 -21.76 1.30
N THR C 117 13.94 -22.66 1.57
CA THR C 117 13.76 -24.10 1.43
C THR C 117 13.87 -24.75 2.81
N VAL C 118 12.80 -25.44 3.22
CA VAL C 118 12.79 -26.18 4.46
C VAL C 118 12.83 -27.66 4.11
N SER C 119 13.99 -28.29 4.32
CA SER C 119 14.18 -29.70 4.03
C SER C 119 15.29 -30.25 4.91
N SER C 120 15.13 -31.50 5.31
CA SER C 120 16.14 -32.19 6.11
C SER C 120 17.29 -32.73 5.28
N ALA C 121 17.32 -32.44 3.98
CA ALA C 121 18.41 -32.89 3.12
C ALA C 121 19.63 -32.02 3.33
N LYS C 122 20.81 -32.65 3.28
CA LYS C 122 22.07 -31.95 3.45
C LYS C 122 22.55 -31.39 2.13
N THR C 123 23.30 -30.29 2.20
CA THR C 123 23.83 -29.66 1.00
C THR C 123 24.75 -30.62 0.26
N THR C 124 24.50 -30.80 -1.04
CA THR C 124 25.21 -31.75 -1.87
C THR C 124 25.71 -31.05 -3.13
N PRO C 125 26.99 -31.20 -3.48
CA PRO C 125 27.49 -30.63 -4.74
C PRO C 125 27.01 -31.44 -5.92
N PRO C 126 26.83 -30.81 -7.09
CA PRO C 126 26.23 -31.50 -8.22
C PRO C 126 27.23 -32.39 -8.94
N SER C 127 26.68 -33.27 -9.78
CA SER C 127 27.44 -34.07 -10.73
C SER C 127 27.13 -33.58 -12.13
N VAL C 128 28.17 -33.21 -12.88
CA VAL C 128 28.02 -32.65 -14.22
C VAL C 128 28.46 -33.69 -15.24
N TYR C 129 27.60 -33.93 -16.23
CA TYR C 129 27.85 -34.89 -17.29
C TYR C 129 27.60 -34.25 -18.65
N PRO C 130 28.48 -34.47 -19.62
CA PRO C 130 28.25 -33.93 -20.96
C PRO C 130 27.29 -34.81 -21.76
N LEU C 131 26.68 -34.19 -22.77
CA LEU C 131 25.72 -34.86 -23.65
C LEU C 131 26.09 -34.52 -25.09
N ALA C 132 26.75 -35.47 -25.75
CA ALA C 132 27.21 -35.37 -27.13
C ALA C 132 26.33 -36.18 -28.05
N PRO C 133 26.37 -35.93 -29.37
CA PRO C 133 25.50 -36.66 -30.30
C PRO C 133 25.70 -38.16 -30.35
N VAL C 134 24.99 -38.83 -31.26
CA VAL C 134 24.94 -40.28 -31.32
C VAL C 134 26.16 -40.85 -32.03
N CYS C 135 27.15 -39.99 -32.30
CA CYS C 135 28.40 -40.39 -32.94
C CYS C 135 28.13 -41.14 -34.25
N GLY C 136 27.63 -40.39 -35.23
CA GLY C 136 27.34 -40.95 -36.54
C GLY C 136 26.12 -40.37 -37.21
N ASP C 137 25.08 -40.09 -36.44
CA ASP C 137 23.80 -39.63 -36.98
C ASP C 137 23.74 -38.11 -37.18
N THR C 138 24.89 -37.45 -37.25
CA THR C 138 24.92 -36.01 -37.50
C THR C 138 24.66 -35.74 -38.97
N THR C 139 23.87 -34.71 -39.25
CA THR C 139 23.50 -34.40 -40.63
C THR C 139 23.20 -32.91 -40.82
N GLY C 140 22.28 -32.37 -40.02
CA GLY C 140 21.84 -31.01 -40.21
C GLY C 140 22.95 -30.00 -40.04
N SER C 141 22.67 -28.78 -40.49
CA SER C 141 23.63 -27.68 -40.36
C SER C 141 23.86 -27.29 -38.91
N SER C 142 22.93 -27.62 -38.02
CA SER C 142 23.04 -27.30 -36.60
C SER C 142 23.12 -28.59 -35.80
N VAL C 143 23.93 -28.55 -34.73
CA VAL C 143 24.03 -29.66 -33.79
C VAL C 143 23.74 -29.12 -32.39
N THR C 144 23.16 -29.96 -31.56
CA THR C 144 22.76 -29.61 -30.21
C THR C 144 23.60 -30.38 -29.21
N LEU C 145 24.14 -29.67 -28.22
CA LEU C 145 24.94 -30.23 -27.16
C LEU C 145 24.24 -29.98 -25.83
N GLY C 146 24.47 -30.89 -24.87
CA GLY C 146 23.77 -30.83 -23.61
C GLY C 146 24.71 -30.93 -22.42
N CYS C 147 24.23 -30.39 -21.30
CA CYS C 147 24.93 -30.46 -20.02
C CYS C 147 23.92 -30.89 -18.97
N LEU C 148 24.17 -32.04 -18.33
CA LEU C 148 23.26 -32.61 -17.35
C LEU C 148 23.85 -32.44 -15.96
N VAL C 149 23.09 -31.82 -15.06
CA VAL C 149 23.53 -31.52 -13.70
C VAL C 149 22.62 -32.28 -12.74
N LYS C 150 23.09 -33.41 -12.25
CA LYS C 150 22.28 -34.35 -11.50
C LYS C 150 22.79 -34.48 -10.07
N GLY C 151 21.85 -34.63 -9.12
CA GLY C 151 22.20 -34.98 -7.76
C GLY C 151 22.78 -33.85 -6.92
N TYR C 152 22.09 -32.72 -6.85
CA TYR C 152 22.53 -31.60 -6.02
C TYR C 152 21.38 -31.11 -5.14
N PHE C 153 21.76 -30.37 -4.10
CA PHE C 153 20.79 -29.78 -3.18
C PHE C 153 21.48 -28.68 -2.39
N PRO C 154 20.82 -27.53 -2.18
CA PRO C 154 19.49 -27.16 -2.68
C PRO C 154 19.54 -26.48 -4.04
N GLU C 155 18.55 -25.68 -4.33
CA GLU C 155 18.46 -24.88 -5.54
C GLU C 155 19.00 -23.48 -5.29
N PRO C 156 19.29 -22.71 -6.35
CA PRO C 156 19.39 -23.15 -7.75
C PRO C 156 20.83 -23.34 -8.20
N VAL C 157 21.02 -23.66 -9.48
CA VAL C 157 22.32 -23.88 -10.09
C VAL C 157 22.40 -23.05 -11.36
N THR C 158 23.49 -22.32 -11.53
CA THR C 158 23.68 -21.47 -12.71
C THR C 158 24.54 -22.20 -13.74
N LEU C 159 24.14 -22.12 -15.00
CA LEU C 159 24.83 -22.82 -16.07
C LEU C 159 25.10 -21.86 -17.23
N THR C 160 26.36 -21.77 -17.64
CA THR C 160 26.75 -20.93 -18.77
C THR C 160 27.49 -21.78 -19.80
N TRP C 161 27.49 -21.32 -21.05
CA TRP C 161 28.11 -22.06 -22.14
C TRP C 161 29.21 -21.19 -22.74
N ASN C 162 30.45 -21.71 -22.71
CA ASN C 162 31.63 -20.99 -23.20
C ASN C 162 31.78 -19.65 -22.50
N SER C 163 31.51 -19.63 -21.20
CA SER C 163 31.63 -18.44 -20.35
C SER C 163 30.72 -17.32 -20.85
N GLY C 164 29.45 -17.65 -21.05
CA GLY C 164 28.46 -16.66 -21.46
C GLY C 164 28.66 -16.09 -22.84
N SER C 165 29.58 -16.64 -23.64
CA SER C 165 29.81 -16.10 -24.98
C SER C 165 28.70 -16.52 -25.95
N LEU C 166 28.13 -17.70 -25.75
CA LEU C 166 27.12 -18.26 -26.65
C LEU C 166 25.78 -18.22 -25.93
N SER C 167 24.92 -17.28 -26.31
CA SER C 167 23.60 -17.12 -25.72
C SER C 167 22.48 -17.40 -26.71
N SER C 168 22.81 -17.90 -27.90
CA SER C 168 21.80 -18.22 -28.92
C SER C 168 21.51 -19.71 -28.90
N GLY C 169 20.24 -20.06 -28.89
CA GLY C 169 19.85 -21.46 -28.89
C GLY C 169 20.17 -22.21 -27.62
N VAL C 170 20.33 -21.50 -26.50
CA VAL C 170 20.57 -22.12 -25.20
C VAL C 170 19.25 -22.16 -24.44
N HIS C 171 18.95 -23.32 -23.85
CA HIS C 171 17.75 -23.52 -23.05
C HIS C 171 18.14 -24.11 -21.71
N THR C 172 17.73 -23.47 -20.62
CA THR C 172 18.02 -23.95 -19.27
C THR C 172 16.76 -24.59 -18.71
N PHE C 173 16.72 -25.91 -18.66
CA PHE C 173 15.52 -26.62 -18.27
C PHE C 173 15.33 -26.55 -16.76
N PRO C 174 14.12 -26.28 -16.28
CA PRO C 174 13.90 -26.13 -14.84
C PRO C 174 14.23 -27.40 -14.07
N ALA C 175 14.94 -27.24 -12.97
CA ALA C 175 15.31 -28.37 -12.13
C ALA C 175 14.07 -29.09 -11.62
N VAL C 176 14.22 -30.40 -11.40
CA VAL C 176 13.14 -31.23 -10.89
C VAL C 176 13.71 -32.13 -9.79
N LEU C 177 12.89 -32.38 -8.78
CA LEU C 177 13.29 -33.24 -7.68
C LEU C 177 13.20 -34.71 -8.06
N GLN C 178 14.20 -35.48 -7.63
CA GLN C 178 14.29 -36.90 -7.95
C GLN C 178 15.17 -37.55 -6.89
N SER C 179 14.63 -38.53 -6.17
CA SER C 179 15.36 -39.21 -5.09
C SER C 179 15.95 -38.20 -4.11
N ASP C 180 15.16 -37.18 -3.77
CA ASP C 180 15.48 -36.10 -2.83
C ASP C 180 16.53 -35.12 -3.34
N LEU C 181 17.07 -35.31 -4.54
CA LEU C 181 18.09 -34.42 -5.07
C LEU C 181 17.62 -33.83 -6.40
N TYR C 182 18.16 -32.68 -6.77
CA TYR C 182 17.67 -31.97 -7.93
C TYR C 182 18.42 -32.39 -9.20
N THR C 183 17.73 -32.31 -10.32
CA THR C 183 18.30 -32.62 -11.63
C THR C 183 17.91 -31.52 -12.61
N LEU C 184 18.89 -31.05 -13.38
CA LEU C 184 18.72 -29.96 -14.33
C LEU C 184 19.42 -30.34 -15.64
N SER C 185 18.97 -29.73 -16.73
CA SER C 185 19.60 -29.92 -18.03
C SER C 185 19.77 -28.57 -18.72
N SER C 186 20.72 -28.52 -19.64
CA SER C 186 20.95 -27.33 -20.44
C SER C 186 21.27 -27.73 -21.86
N SER C 187 20.67 -27.02 -22.81
CA SER C 187 20.84 -27.25 -24.23
C SER C 187 21.51 -26.05 -24.88
N VAL C 188 22.31 -26.32 -25.90
CA VAL C 188 22.89 -25.27 -26.73
C VAL C 188 22.95 -25.79 -28.16
N THR C 189 22.66 -24.92 -29.13
CA THR C 189 22.66 -25.30 -30.53
C THR C 189 23.65 -24.43 -31.28
N VAL C 190 24.62 -25.06 -31.94
CA VAL C 190 25.65 -24.36 -32.68
C VAL C 190 25.78 -24.98 -34.06
N THR C 191 26.28 -24.19 -35.00
CA THR C 191 26.42 -24.66 -36.37
C THR C 191 27.39 -25.85 -36.43
N SER C 192 27.10 -26.79 -37.34
CA SER C 192 27.92 -27.98 -37.46
C SER C 192 29.34 -27.66 -37.93
N SER C 193 29.56 -26.47 -38.48
CA SER C 193 30.91 -26.04 -38.82
C SER C 193 31.70 -25.57 -37.61
N THR C 194 31.07 -25.47 -36.44
CA THR C 194 31.74 -25.09 -35.20
C THR C 194 32.16 -26.31 -34.38
N TRP C 195 31.22 -27.22 -34.10
CA TRP C 195 31.56 -28.41 -33.33
C TRP C 195 31.72 -29.61 -34.26
N PRO C 196 32.70 -30.49 -33.99
CA PRO C 196 33.68 -30.45 -32.91
C PRO C 196 34.96 -29.72 -33.30
N SER C 197 34.89 -28.84 -34.30
CA SER C 197 36.07 -28.06 -34.69
C SER C 197 36.47 -27.08 -33.60
N GLN C 198 35.47 -26.44 -32.96
CA GLN C 198 35.70 -25.56 -31.83
C GLN C 198 35.17 -26.24 -30.56
N SER C 199 35.99 -26.25 -29.51
CA SER C 199 35.60 -26.90 -28.26
C SER C 199 34.43 -26.16 -27.63
N ILE C 200 33.50 -26.93 -27.06
CA ILE C 200 32.33 -26.39 -26.37
C ILE C 200 32.41 -26.82 -24.91
N THR C 201 32.18 -25.87 -24.00
CA THR C 201 32.32 -26.11 -22.57
C THR C 201 31.13 -25.52 -21.83
N CYS C 202 30.55 -26.30 -20.92
CA CYS C 202 29.51 -25.81 -20.03
C CYS C 202 30.10 -25.63 -18.64
N ASN C 203 29.82 -24.49 -18.02
CA ASN C 203 30.29 -24.14 -16.68
C ASN C 203 29.10 -24.14 -15.73
N VAL C 204 29.17 -24.98 -14.69
CA VAL C 204 28.11 -25.15 -13.72
C VAL C 204 28.58 -24.58 -12.39
N ALA C 205 27.77 -23.69 -11.81
CA ALA C 205 28.07 -23.05 -10.54
C ALA C 205 26.95 -23.37 -9.55
N HIS C 206 27.32 -23.96 -8.42
CA HIS C 206 26.42 -24.21 -7.31
C HIS C 206 26.90 -23.38 -6.13
N PRO C 207 26.21 -22.29 -5.78
CA PRO C 207 26.71 -21.38 -4.74
C PRO C 207 26.51 -21.93 -3.34
N ALA C 208 25.47 -22.76 -3.16
CA ALA C 208 25.17 -23.29 -1.84
C ALA C 208 26.31 -24.14 -1.30
N SER C 209 27.06 -24.81 -2.19
CA SER C 209 28.22 -25.59 -1.79
C SER C 209 29.52 -24.96 -2.28
N SER C 210 29.45 -23.80 -2.93
CA SER C 210 30.64 -23.08 -3.42
C SER C 210 31.46 -23.95 -4.37
N THR C 211 30.79 -24.50 -5.39
CA THR C 211 31.47 -25.34 -6.37
C THR C 211 31.26 -24.79 -7.77
N LYS C 212 32.34 -24.74 -8.55
CA LYS C 212 32.28 -24.46 -9.97
C LYS C 212 32.95 -25.61 -10.70
N VAL C 213 32.36 -26.00 -11.84
CA VAL C 213 32.85 -27.15 -12.60
C VAL C 213 32.73 -26.85 -14.08
N ASP C 214 33.79 -27.07 -14.83
CA ASP C 214 33.81 -26.90 -16.27
C ASP C 214 33.86 -28.27 -16.94
N LYS C 215 32.94 -28.51 -17.88
CA LYS C 215 32.90 -29.77 -18.60
C LYS C 215 32.95 -29.50 -20.10
N LYS C 216 33.88 -30.18 -20.77
CA LYS C 216 34.16 -29.99 -22.19
C LYS C 216 33.51 -31.14 -22.96
N ILE C 217 32.66 -30.79 -23.93
CA ILE C 217 31.89 -31.79 -24.66
C ILE C 217 32.83 -32.56 -25.59
N GLU C 218 33.04 -33.84 -25.30
CA GLU C 218 33.92 -34.74 -26.05
C GLU C 218 35.38 -34.29 -26.02
N SER D 1 -11.33 -13.03 6.18
CA SER D 1 -10.83 -13.02 4.80
C SER D 1 -11.97 -12.85 3.80
N THR D 2 -11.78 -11.96 2.83
CA THR D 2 -12.69 -11.82 1.71
C THR D 2 -12.04 -12.45 0.48
N THR D 3 -12.68 -13.51 -0.03
CA THR D 3 -12.09 -14.26 -1.14
C THR D 3 -12.13 -13.46 -2.44
N VAL D 4 -11.19 -13.77 -3.33
CA VAL D 4 -11.02 -13.04 -4.58
C VAL D 4 -10.83 -14.06 -5.69
N THR D 5 -11.76 -14.10 -6.64
CA THR D 5 -11.74 -15.07 -7.74
C THR D 5 -11.34 -14.36 -9.02
N GLN D 6 -10.26 -14.84 -9.64
CA GLN D 6 -9.73 -14.29 -10.88
C GLN D 6 -10.00 -15.26 -12.03
N SER D 7 -10.42 -14.72 -13.17
CA SER D 7 -10.74 -15.53 -14.33
C SER D 7 -10.28 -14.83 -15.60
N PRO D 8 -9.79 -15.60 -16.59
CA PRO D 8 -9.56 -17.05 -16.57
C PRO D 8 -8.19 -17.37 -15.97
N ALA D 9 -7.90 -18.65 -15.69
CA ALA D 9 -6.60 -18.98 -15.12
C ALA D 9 -5.50 -18.81 -16.16
N SER D 10 -5.79 -19.10 -17.42
CA SER D 10 -4.83 -18.94 -18.50
C SER D 10 -5.55 -18.37 -19.72
N LEU D 11 -4.77 -17.71 -20.59
CA LEU D 11 -5.32 -17.17 -21.82
C LEU D 11 -4.26 -17.22 -22.91
N SER D 12 -4.72 -17.36 -24.15
CA SER D 12 -3.87 -17.45 -25.33
C SER D 12 -4.35 -16.46 -26.38
N VAL D 13 -3.60 -15.38 -26.58
CA VAL D 13 -3.90 -14.39 -27.61
C VAL D 13 -2.62 -14.04 -28.35
N ALA D 14 -2.77 -13.59 -29.59
CA ALA D 14 -1.62 -13.20 -30.41
C ALA D 14 -1.13 -11.82 -29.99
N THR D 15 -0.48 -11.11 -30.91
CA THR D 15 0.02 -9.76 -30.65
C THR D 15 -0.91 -8.76 -31.31
N GLY D 16 -1.71 -8.05 -30.52
CA GLY D 16 -2.48 -6.93 -31.03
C GLY D 16 -3.97 -6.92 -30.78
N GLU D 17 -4.48 -7.87 -29.98
CA GLU D 17 -5.91 -7.96 -29.68
C GLU D 17 -6.16 -7.69 -28.20
N LYS D 18 -7.44 -7.73 -27.83
CA LYS D 18 -7.86 -7.36 -26.49
C LYS D 18 -7.71 -8.52 -25.52
N VAL D 19 -7.29 -8.22 -24.30
CA VAL D 19 -7.20 -9.19 -23.21
C VAL D 19 -8.08 -8.68 -22.08
N THR D 20 -9.04 -9.50 -21.65
CA THR D 20 -9.99 -9.12 -20.61
C THR D 20 -9.91 -10.11 -19.47
N ILE D 21 -9.59 -9.61 -18.27
CA ILE D 21 -9.47 -10.42 -17.06
C ILE D 21 -10.52 -9.96 -16.07
N ARG D 22 -11.33 -10.89 -15.59
CA ARG D 22 -12.37 -10.60 -14.62
C ARG D 22 -11.89 -10.94 -13.21
N CYS D 23 -12.27 -10.12 -12.23
CA CYS D 23 -11.91 -10.34 -10.84
C CYS D 23 -13.13 -10.02 -9.98
N ILE D 24 -13.59 -11.01 -9.23
CA ILE D 24 -14.76 -10.88 -8.37
C ILE D 24 -14.31 -11.00 -6.92
N THR D 25 -15.04 -10.33 -6.03
CA THR D 25 -14.78 -10.40 -4.60
C THR D 25 -16.00 -10.97 -3.89
N SER D 26 -15.80 -11.38 -2.64
CA SER D 26 -16.87 -11.96 -1.84
C SER D 26 -17.63 -10.94 -1.02
N THR D 27 -17.03 -9.76 -0.77
CA THR D 27 -17.68 -8.67 -0.08
C THR D 27 -17.58 -7.41 -0.93
N ASP D 28 -18.16 -6.32 -0.44
CA ASP D 28 -18.07 -5.04 -1.12
C ASP D 28 -16.76 -4.36 -0.74
N ILE D 29 -15.93 -4.08 -1.74
CA ILE D 29 -14.63 -3.46 -1.53
C ILE D 29 -14.55 -2.07 -2.16
N ASP D 30 -15.69 -1.54 -2.62
CA ASP D 30 -15.76 -0.24 -3.32
C ASP D 30 -14.92 -0.37 -4.58
N ASP D 31 -13.97 0.52 -4.84
CA ASP D 31 -13.09 0.44 -6.00
C ASP D 31 -11.65 0.11 -5.62
N ASN D 32 -11.41 -0.29 -4.36
CA ASN D 32 -10.06 -0.56 -3.89
C ASN D 32 -9.50 -1.85 -4.48
N MET D 33 -9.33 -1.90 -5.79
CA MET D 33 -8.82 -3.08 -6.47
C MET D 33 -7.61 -2.69 -7.31
N ASN D 34 -6.55 -3.47 -7.21
CA ASN D 34 -5.28 -3.16 -7.85
C ASN D 34 -4.84 -4.32 -8.73
N TRP D 35 -4.09 -3.98 -9.77
CA TRP D 35 -3.70 -4.92 -10.82
C TRP D 35 -2.19 -4.88 -10.97
N TYR D 36 -1.56 -6.05 -10.76
CA TYR D 36 -0.12 -6.25 -10.80
C TYR D 36 0.26 -7.15 -11.97
N GLN D 37 1.42 -6.88 -12.56
CA GLN D 37 2.00 -7.70 -13.60
C GLN D 37 3.33 -8.25 -13.11
N GLN D 38 3.58 -9.52 -13.41
CA GLN D 38 4.82 -10.19 -13.02
C GLN D 38 5.35 -10.99 -14.19
N LYS D 39 6.54 -10.63 -14.67
CA LYS D 39 7.31 -11.34 -15.68
C LYS D 39 8.21 -12.38 -15.01
N PRO D 40 8.56 -13.46 -15.72
CA PRO D 40 9.34 -14.54 -15.10
C PRO D 40 10.64 -14.02 -14.50
N GLY D 41 10.95 -14.51 -13.30
CA GLY D 41 12.17 -14.16 -12.62
C GLY D 41 12.06 -12.90 -11.77
N GLU D 42 11.22 -11.96 -12.21
CA GLU D 42 11.07 -10.66 -11.58
C GLU D 42 9.99 -10.68 -10.51
N PRO D 43 10.05 -9.76 -9.55
CA PRO D 43 8.92 -9.55 -8.64
C PRO D 43 7.76 -8.90 -9.38
N PRO D 44 6.56 -8.94 -8.81
CA PRO D 44 5.42 -8.29 -9.47
C PRO D 44 5.60 -6.79 -9.51
N LYS D 45 5.00 -6.17 -10.53
CA LYS D 45 5.04 -4.74 -10.74
C LYS D 45 3.62 -4.21 -10.73
N LEU D 46 3.39 -3.15 -9.97
CA LEU D 46 2.05 -2.56 -9.88
C LEU D 46 1.71 -1.84 -11.17
N LEU D 47 0.57 -2.18 -11.76
CA LEU D 47 0.08 -1.54 -12.98
C LEU D 47 -1.02 -0.53 -12.71
N ILE D 48 -2.05 -0.92 -11.97
CA ILE D 48 -3.19 -0.04 -11.70
C ILE D 48 -3.49 -0.08 -10.21
N SER D 49 -3.57 1.10 -9.60
CA SER D 49 -3.79 1.22 -8.16
C SER D 49 -5.29 1.29 -7.87
N GLU D 50 -5.63 1.63 -6.63
CA GLU D 50 -7.01 1.71 -6.16
C GLU D 50 -7.84 2.62 -7.06
N GLY D 51 -9.15 2.44 -7.04
CA GLY D 51 -9.99 3.08 -8.05
C GLY D 51 -9.71 2.45 -9.40
N ASN D 52 -9.38 3.27 -10.39
CA ASN D 52 -8.88 2.78 -11.67
C ASN D 52 -7.69 3.63 -12.10
N THR D 53 -6.82 3.95 -11.14
CA THR D 53 -5.72 4.87 -11.36
C THR D 53 -4.59 4.15 -12.09
N LEU D 54 -4.28 4.63 -13.29
CA LEU D 54 -3.14 4.11 -14.05
C LEU D 54 -1.86 4.70 -13.47
N ARG D 55 -0.94 3.82 -13.06
CA ARG D 55 0.29 4.27 -12.42
C ARG D 55 1.14 5.06 -13.42
N PRO D 56 1.97 5.99 -12.93
CA PRO D 56 2.81 6.77 -13.85
C PRO D 56 3.75 5.86 -14.61
N GLY D 57 4.00 6.21 -15.88
CA GLY D 57 4.83 5.41 -16.77
C GLY D 57 4.12 4.24 -17.40
N VAL D 58 3.01 3.78 -16.86
CA VAL D 58 2.28 2.67 -17.46
C VAL D 58 1.70 3.12 -18.80
N PRO D 59 1.86 2.33 -19.87
CA PRO D 59 1.24 2.70 -21.16
C PRO D 59 -0.27 2.83 -21.04
N SER D 60 -0.83 3.58 -21.98
CA SER D 60 -2.25 3.91 -21.96
C SER D 60 -3.15 2.79 -22.46
N ARG D 61 -2.57 1.67 -22.92
CA ARG D 61 -3.40 0.57 -23.41
C ARG D 61 -4.04 -0.20 -22.26
N PHE D 62 -3.42 -0.20 -21.08
CA PHE D 62 -3.98 -0.87 -19.92
C PHE D 62 -5.07 -0.01 -19.29
N SER D 63 -6.13 -0.67 -18.83
CA SER D 63 -7.25 0.03 -18.23
C SER D 63 -7.94 -0.89 -17.23
N SER D 64 -8.66 -0.27 -16.29
CA SER D 64 -9.45 -1.00 -15.32
C SER D 64 -10.83 -0.37 -15.22
N SER D 65 -11.79 -1.19 -14.79
CA SER D 65 -13.13 -0.69 -14.55
C SER D 65 -13.81 -1.61 -13.54
N GLY D 66 -15.01 -1.22 -13.13
CA GLY D 66 -15.78 -1.97 -12.17
C GLY D 66 -15.78 -1.31 -10.80
N PHE D 67 -16.65 -1.84 -9.94
CA PHE D 67 -16.90 -1.18 -8.66
C PHE D 67 -17.78 -2.06 -7.79
N GLY D 68 -17.43 -2.15 -6.51
CA GLY D 68 -18.20 -2.92 -5.56
C GLY D 68 -17.73 -4.35 -5.42
N THR D 69 -18.09 -5.19 -6.40
CA THR D 69 -17.79 -6.61 -6.33
C THR D 69 -17.16 -7.10 -7.63
N ASP D 70 -17.55 -6.51 -8.75
CA ASP D 70 -17.09 -6.93 -10.07
C ASP D 70 -16.07 -5.94 -10.60
N PHE D 71 -14.93 -6.45 -11.08
CA PHE D 71 -13.88 -5.61 -11.61
C PHE D 71 -13.30 -6.26 -12.87
N VAL D 72 -12.88 -5.42 -13.81
CA VAL D 72 -12.37 -5.86 -15.09
C VAL D 72 -11.05 -5.16 -15.38
N PHE D 73 -10.11 -5.91 -15.95
CA PHE D 73 -8.80 -5.42 -16.35
C PHE D 73 -8.67 -5.67 -17.85
N THR D 74 -8.47 -4.60 -18.61
CA THR D 74 -8.49 -4.66 -20.06
C THR D 74 -7.14 -4.20 -20.61
N ILE D 75 -6.61 -4.96 -21.56
CA ILE D 75 -5.47 -4.54 -22.36
C ILE D 75 -5.93 -4.46 -23.81
N GLU D 76 -5.83 -3.28 -24.40
CA GLU D 76 -6.21 -3.06 -25.79
C GLU D 76 -4.95 -3.03 -26.65
N ASN D 77 -4.94 -3.83 -27.71
CA ASN D 77 -3.81 -3.95 -28.62
C ASN D 77 -2.53 -4.31 -27.86
N THR D 78 -2.54 -5.53 -27.34
CA THR D 78 -1.42 -6.01 -26.53
C THR D 78 -0.14 -6.09 -27.36
N LEU D 79 0.94 -5.58 -26.79
CA LEU D 79 2.26 -5.70 -27.39
C LEU D 79 2.90 -7.02 -26.96
N SER D 80 4.07 -7.32 -27.55
CA SER D 80 4.75 -8.57 -27.24
C SER D 80 5.24 -8.60 -25.79
N GLU D 81 5.60 -7.45 -25.24
CA GLU D 81 6.12 -7.38 -23.88
C GLU D 81 5.02 -7.39 -22.82
N ASP D 82 3.75 -7.46 -23.22
CA ASP D 82 2.63 -7.47 -22.29
C ASP D 82 2.30 -8.87 -21.77
N PHE D 83 3.01 -9.89 -22.22
CA PHE D 83 2.67 -11.27 -21.91
C PHE D 83 3.43 -11.70 -20.66
N ALA D 84 2.69 -11.90 -19.57
CA ALA D 84 3.25 -12.27 -18.28
C ALA D 84 2.10 -12.78 -17.43
N ASP D 85 2.32 -12.85 -16.12
CA ASP D 85 1.27 -13.24 -15.18
C ASP D 85 0.64 -11.99 -14.60
N TYR D 86 -0.66 -12.04 -14.34
CA TYR D 86 -1.41 -10.89 -13.86
C TYR D 86 -2.19 -11.27 -12.62
N TYR D 87 -2.11 -10.43 -11.59
CA TYR D 87 -2.78 -10.69 -10.32
C TYR D 87 -3.62 -9.49 -9.92
N CYS D 88 -4.80 -9.76 -9.36
CA CYS D 88 -5.62 -8.71 -8.76
C CYS D 88 -5.56 -8.81 -7.25
N LEU D 89 -5.61 -7.66 -6.60
CA LEU D 89 -5.50 -7.57 -5.15
C LEU D 89 -6.46 -6.53 -4.63
N GLN D 90 -7.33 -6.91 -3.70
CA GLN D 90 -8.18 -5.94 -3.04
C GLN D 90 -7.43 -5.31 -1.87
N SER D 91 -7.71 -4.04 -1.61
CA SER D 91 -7.07 -3.30 -0.53
C SER D 91 -8.11 -2.53 0.27
N ASP D 92 -9.26 -3.17 0.52
CA ASP D 92 -10.35 -2.52 1.26
C ASP D 92 -10.22 -2.73 2.76
N ASP D 93 -10.02 -3.98 3.18
CA ASP D 93 -9.84 -4.28 4.60
C ASP D 93 -8.92 -5.49 4.71
N MET D 94 -8.41 -5.71 5.93
CA MET D 94 -7.47 -6.79 6.17
C MET D 94 -8.22 -8.09 6.43
N PRO D 95 -7.60 -9.24 6.09
CA PRO D 95 -6.28 -9.40 5.46
C PRO D 95 -6.32 -9.09 3.96
N LEU D 96 -5.26 -8.51 3.41
CA LEU D 96 -5.20 -8.28 1.97
C LEU D 96 -5.14 -9.61 1.24
N THR D 97 -5.95 -9.76 0.19
CA THR D 97 -6.09 -11.02 -0.51
C THR D 97 -5.84 -10.84 -2.00
N PHE D 98 -5.17 -11.82 -2.59
CA PHE D 98 -4.82 -11.81 -4.00
C PHE D 98 -5.72 -12.76 -4.78
N GLY D 99 -5.74 -12.56 -6.09
CA GLY D 99 -6.39 -13.51 -6.97
C GLY D 99 -5.49 -14.69 -7.28
N ALA D 100 -6.07 -15.68 -7.96
CA ALA D 100 -5.29 -16.85 -8.34
C ALA D 100 -4.30 -16.56 -9.46
N GLY D 101 -4.51 -15.48 -10.20
CA GLY D 101 -3.60 -15.09 -11.25
C GLY D 101 -4.07 -15.54 -12.63
N THR D 102 -3.43 -14.97 -13.64
CA THR D 102 -3.75 -15.27 -15.03
C THR D 102 -2.45 -15.43 -15.81
N LYS D 103 -2.23 -16.61 -16.39
CA LYS D 103 -1.03 -16.89 -17.18
C LYS D 103 -1.32 -16.51 -18.64
N LEU D 104 -0.95 -15.30 -19.03
CA LEU D 104 -1.20 -14.80 -20.37
C LEU D 104 -0.02 -15.15 -21.26
N GLU D 105 -0.26 -16.00 -22.27
CA GLU D 105 0.78 -16.46 -23.17
C GLU D 105 0.52 -15.97 -24.59
N LEU D 106 1.60 -15.85 -25.36
CA LEU D 106 1.53 -15.32 -26.71
C LEU D 106 1.12 -16.44 -27.68
N LYS D 107 -0.01 -16.25 -28.35
CA LYS D 107 -0.50 -17.23 -29.33
C LYS D 107 0.14 -16.91 -30.67
N ARG D 108 1.25 -17.57 -30.96
CA ARG D 108 1.97 -17.38 -32.20
C ARG D 108 1.68 -18.55 -33.15
N ALA D 109 2.34 -18.53 -34.31
CA ALA D 109 2.17 -19.59 -35.28
C ALA D 109 2.78 -20.90 -34.76
N ASP D 110 2.32 -22.01 -35.31
CA ASP D 110 2.83 -23.31 -34.93
C ASP D 110 4.26 -23.49 -35.43
N ALA D 111 5.03 -24.30 -34.71
CA ALA D 111 6.43 -24.54 -35.05
C ALA D 111 6.79 -25.97 -34.71
N ALA D 112 7.45 -26.65 -35.65
CA ALA D 112 7.88 -28.02 -35.43
C ALA D 112 9.10 -28.07 -34.50
N PRO D 113 9.15 -29.02 -33.59
CA PRO D 113 10.26 -29.07 -32.62
C PRO D 113 11.51 -29.69 -33.22
N THR D 114 12.65 -29.24 -32.72
CA THR D 114 13.94 -29.82 -33.06
C THR D 114 14.30 -30.85 -31.99
N VAL D 115 14.46 -32.10 -32.40
CA VAL D 115 14.62 -33.23 -31.47
C VAL D 115 16.05 -33.72 -31.51
N SER D 116 16.60 -34.01 -30.34
CA SER D 116 17.94 -34.56 -30.21
C SER D 116 17.96 -35.56 -29.05
N ILE D 117 18.77 -36.60 -29.19
CA ILE D 117 18.88 -37.65 -28.18
C ILE D 117 20.34 -37.83 -27.81
N PHE D 118 20.61 -38.05 -26.52
CA PHE D 118 21.95 -38.15 -25.99
C PHE D 118 22.08 -39.38 -25.10
N PRO D 119 23.11 -40.20 -25.31
CA PRO D 119 23.31 -41.39 -24.48
C PRO D 119 23.99 -41.02 -23.17
N PRO D 120 24.09 -41.97 -22.23
CA PRO D 120 24.81 -41.67 -20.98
C PRO D 120 26.28 -41.40 -21.25
N SER D 121 26.79 -40.34 -20.64
CA SER D 121 28.22 -40.05 -20.71
C SER D 121 29.01 -41.11 -19.96
N SER D 122 30.21 -41.42 -20.46
CA SER D 122 30.98 -42.51 -19.88
C SER D 122 31.22 -42.32 -18.38
N GLU D 123 31.52 -41.10 -17.95
CA GLU D 123 31.73 -40.82 -16.53
C GLU D 123 30.54 -41.28 -15.69
N GLN D 124 29.33 -41.13 -16.22
CA GLN D 124 28.15 -41.56 -15.48
C GLN D 124 28.06 -43.08 -15.41
N LEU D 125 28.45 -43.77 -16.48
CA LEU D 125 28.52 -45.24 -16.42
C LEU D 125 29.55 -45.70 -15.40
N THR D 126 30.70 -45.04 -15.32
CA THR D 126 31.66 -45.37 -14.25
C THR D 126 31.05 -45.09 -12.88
N SER D 127 30.24 -44.04 -12.76
CA SER D 127 29.68 -43.69 -11.45
C SER D 127 28.74 -44.79 -10.96
N GLY D 128 27.77 -45.19 -11.77
CA GLY D 128 26.87 -46.26 -11.39
C GLY D 128 25.46 -46.10 -11.93
N GLY D 129 25.17 -44.98 -12.57
CA GLY D 129 23.86 -44.76 -13.14
C GLY D 129 23.89 -44.56 -14.65
N ALA D 130 22.75 -44.21 -15.23
CA ALA D 130 22.69 -43.95 -16.66
C ALA D 130 21.46 -43.10 -16.95
N SER D 131 21.65 -42.07 -17.77
CA SER D 131 20.59 -41.12 -18.10
C SER D 131 20.57 -40.89 -19.61
N VAL D 132 19.48 -41.29 -20.25
CA VAL D 132 19.27 -41.04 -21.67
C VAL D 132 18.40 -39.80 -21.79
N VAL D 133 18.91 -38.77 -22.48
CA VAL D 133 18.27 -37.46 -22.47
C VAL D 133 17.74 -37.16 -23.87
N CYS D 134 16.59 -36.48 -23.92
CA CYS D 134 15.96 -36.09 -25.17
C CYS D 134 15.56 -34.62 -25.09
N PHE D 135 16.14 -33.81 -25.97
CA PHE D 135 15.81 -32.40 -26.09
C PHE D 135 14.80 -32.19 -27.21
N LEU D 136 13.80 -31.33 -26.95
CA LEU D 136 12.78 -30.98 -27.93
C LEU D 136 12.65 -29.46 -27.87
N ASN D 137 13.31 -28.76 -28.80
CA ASN D 137 13.49 -27.33 -28.71
C ASN D 137 12.60 -26.57 -29.69
N ASN D 138 12.22 -25.35 -29.29
CA ASN D 138 11.60 -24.35 -30.15
C ASN D 138 10.39 -24.90 -30.90
N PHE D 139 9.26 -25.02 -30.21
CA PHE D 139 8.03 -25.46 -30.83
C PHE D 139 6.86 -24.71 -30.21
N TYR D 140 5.72 -24.76 -30.91
CA TYR D 140 4.49 -24.14 -30.45
C TYR D 140 3.36 -24.93 -31.12
N PRO D 141 2.30 -25.28 -30.38
CA PRO D 141 1.99 -24.93 -28.99
C PRO D 141 2.79 -25.73 -27.95
N LYS D 142 2.50 -25.50 -26.66
CA LYS D 142 3.23 -26.17 -25.59
C LYS D 142 2.88 -27.65 -25.51
N ASP D 143 1.67 -28.02 -25.94
CA ASP D 143 1.25 -29.41 -25.90
C ASP D 143 2.16 -30.27 -26.78
N ILE D 144 2.66 -31.36 -26.20
CA ILE D 144 3.52 -32.29 -26.92
C ILE D 144 3.57 -33.60 -26.14
N ASN D 145 3.88 -34.69 -26.83
CA ASN D 145 3.92 -36.01 -26.20
C ASN D 145 5.24 -36.69 -26.54
N VAL D 146 5.92 -37.22 -25.51
CA VAL D 146 7.17 -37.95 -25.69
C VAL D 146 6.93 -39.43 -25.37
N LYS D 147 7.41 -40.30 -26.24
CA LYS D 147 7.32 -41.75 -26.10
C LYS D 147 8.75 -42.29 -26.12
N TRP D 148 9.17 -42.90 -25.03
CA TRP D 148 10.47 -43.55 -24.98
C TRP D 148 10.32 -45.00 -25.42
N LYS D 149 11.31 -45.50 -26.16
CA LYS D 149 11.29 -46.90 -26.59
C LYS D 149 12.66 -47.52 -26.41
N ILE D 150 12.71 -48.60 -25.65
CA ILE D 150 13.93 -49.35 -25.39
C ILE D 150 13.83 -50.65 -26.17
N ASP D 151 14.78 -50.85 -27.10
CA ASP D 151 14.81 -52.06 -27.93
C ASP D 151 13.45 -52.31 -28.59
N GLY D 152 12.82 -51.23 -29.06
CA GLY D 152 11.54 -51.35 -29.73
C GLY D 152 10.35 -51.32 -28.79
N SER D 153 10.56 -51.78 -27.56
CA SER D 153 9.49 -51.84 -26.57
C SER D 153 9.38 -50.51 -25.83
N GLU D 154 8.15 -50.14 -25.48
CA GLU D 154 7.92 -48.86 -24.81
C GLU D 154 8.33 -48.93 -23.35
N ARG D 155 8.97 -47.87 -22.87
CA ARG D 155 9.35 -47.73 -21.48
C ARG D 155 8.60 -46.55 -20.87
N GLN D 156 7.92 -46.79 -19.74
CA GLN D 156 7.08 -45.79 -19.11
C GLN D 156 7.57 -45.35 -17.74
N ASN D 157 8.30 -46.21 -17.02
CA ASN D 157 8.74 -45.89 -15.68
C ASN D 157 10.14 -45.27 -15.70
N GLY D 158 10.36 -44.29 -14.82
CA GLY D 158 11.65 -43.64 -14.73
C GLY D 158 11.84 -42.49 -15.69
N VAL D 159 10.76 -41.87 -16.16
CA VAL D 159 10.83 -40.76 -17.11
C VAL D 159 10.44 -39.48 -16.39
N LEU D 160 11.26 -38.44 -16.53
CA LEU D 160 10.98 -37.13 -15.96
C LEU D 160 10.98 -36.10 -17.08
N ASN D 161 9.94 -35.27 -17.13
CA ASN D 161 9.75 -34.28 -18.18
C ASN D 161 9.81 -32.87 -17.61
N SER D 162 10.51 -31.98 -18.30
CA SER D 162 10.69 -30.60 -17.84
C SER D 162 10.47 -29.66 -19.01
N TRP D 163 9.42 -28.84 -18.93
CA TRP D 163 9.16 -27.80 -19.92
C TRP D 163 9.80 -26.49 -19.48
N THR D 164 10.00 -25.60 -20.44
CA THR D 164 10.47 -24.26 -20.15
C THR D 164 9.32 -23.26 -20.28
N ASP D 165 9.59 -22.03 -19.85
CA ASP D 165 8.63 -20.95 -20.05
C ASP D 165 8.71 -20.44 -21.48
N GLN D 166 7.61 -19.88 -21.96
CA GLN D 166 7.56 -19.33 -23.31
C GLN D 166 8.69 -18.34 -23.52
N ASP D 167 9.44 -18.54 -24.60
CA ASP D 167 10.60 -17.70 -24.89
C ASP D 167 10.19 -16.24 -25.03
N SER D 168 11.08 -15.34 -24.61
CA SER D 168 10.77 -13.91 -24.67
C SER D 168 10.85 -13.38 -26.09
N LYS D 169 11.66 -14.01 -26.95
CA LYS D 169 11.85 -13.55 -28.32
C LYS D 169 11.13 -14.42 -29.34
N ASP D 170 11.27 -15.75 -29.22
CA ASP D 170 10.65 -16.67 -30.18
C ASP D 170 9.21 -17.02 -29.82
N SER D 171 8.84 -16.91 -28.54
CA SER D 171 7.53 -17.34 -28.04
C SER D 171 7.32 -18.84 -28.22
N THR D 172 8.41 -19.60 -28.27
CA THR D 172 8.39 -21.05 -28.39
C THR D 172 8.74 -21.69 -27.05
N TYR D 173 8.48 -22.98 -26.95
CA TYR D 173 8.79 -23.76 -25.75
C TYR D 173 9.89 -24.77 -26.04
N SER D 174 10.41 -25.35 -24.97
CA SER D 174 11.38 -26.43 -25.08
C SER D 174 11.11 -27.42 -23.96
N MET D 175 11.57 -28.65 -24.15
CA MET D 175 11.24 -29.73 -23.23
C MET D 175 12.37 -30.73 -23.17
N SER D 176 12.67 -31.19 -21.95
CA SER D 176 13.73 -32.16 -21.68
C SER D 176 13.11 -33.40 -21.08
N SER D 177 13.37 -34.55 -21.72
CA SER D 177 12.88 -35.85 -21.27
C SER D 177 14.07 -36.68 -20.82
N THR D 178 14.10 -37.04 -19.55
CA THR D 178 15.22 -37.79 -19.00
C THR D 178 14.74 -39.17 -18.58
N LEU D 179 15.36 -40.21 -19.12
CA LEU D 179 15.14 -41.59 -18.73
C LEU D 179 16.31 -42.04 -17.86
N THR D 180 16.02 -42.49 -16.65
CA THR D 180 17.05 -42.85 -15.68
C THR D 180 17.00 -44.34 -15.42
N LEU D 181 18.16 -45.00 -15.51
CA LEU D 181 18.32 -46.41 -15.18
C LEU D 181 19.64 -46.60 -14.46
N THR D 182 19.89 -47.83 -14.02
CA THR D 182 21.19 -48.22 -13.49
C THR D 182 22.09 -48.66 -14.64
N LYS D 183 23.41 -48.66 -14.38
CA LYS D 183 24.36 -49.05 -15.42
C LYS D 183 24.09 -50.46 -15.91
N ASP D 184 23.65 -51.35 -15.01
CA ASP D 184 23.38 -52.73 -15.41
C ASP D 184 22.20 -52.82 -16.35
N GLU D 185 21.07 -52.22 -15.98
CA GLU D 185 19.88 -52.28 -16.82
C GLU D 185 20.03 -51.47 -18.11
N TYR D 186 20.96 -50.52 -18.15
CA TYR D 186 21.28 -49.85 -19.41
C TYR D 186 22.19 -50.72 -20.28
N GLU D 187 23.04 -51.53 -19.64
CA GLU D 187 23.99 -52.34 -20.40
C GLU D 187 23.31 -53.52 -21.09
N ARG D 188 22.20 -54.01 -20.53
CA ARG D 188 21.56 -55.21 -21.08
C ARG D 188 20.95 -54.98 -22.45
N HIS D 189 20.60 -53.74 -22.79
CA HIS D 189 19.91 -53.41 -24.03
C HIS D 189 20.79 -52.48 -24.87
N ASN D 190 20.44 -52.34 -26.15
CA ASN D 190 21.29 -51.57 -27.06
C ASN D 190 20.57 -50.47 -27.82
N SER D 191 19.36 -50.72 -28.32
CA SER D 191 18.64 -49.73 -29.10
C SER D 191 17.88 -48.78 -28.18
N TYR D 192 17.96 -47.48 -28.46
CA TYR D 192 17.31 -46.47 -27.63
C TYR D 192 16.73 -45.40 -28.53
N THR D 193 15.41 -45.22 -28.52
CA THR D 193 14.77 -44.24 -29.38
C THR D 193 13.77 -43.38 -28.63
N CYS D 194 13.53 -42.20 -29.20
CA CYS D 194 12.74 -41.14 -28.58
C CYS D 194 11.79 -40.59 -29.64
N GLU D 195 10.49 -40.64 -29.37
CA GLU D 195 9.45 -40.34 -30.33
C GLU D 195 8.65 -39.15 -29.85
N ALA D 196 8.38 -38.20 -30.74
CA ALA D 196 7.73 -36.95 -30.38
C ALA D 196 6.47 -36.76 -31.22
N THR D 197 5.35 -36.52 -30.54
CA THR D 197 4.06 -36.31 -31.17
C THR D 197 3.62 -34.86 -30.90
N HIS D 198 3.43 -34.11 -31.98
CA HIS D 198 3.10 -32.68 -31.91
C HIS D 198 2.04 -32.37 -32.95
N LYS D 199 1.50 -31.15 -32.88
CA LYS D 199 0.43 -30.75 -33.78
C LYS D 199 0.95 -30.41 -35.18
N THR D 200 2.20 -29.97 -35.29
CA THR D 200 2.74 -29.57 -36.59
C THR D 200 3.00 -30.76 -37.51
N SER D 201 2.94 -31.99 -37.01
CA SER D 201 3.18 -33.16 -37.84
C SER D 201 2.14 -34.23 -37.53
N THR D 202 1.64 -34.87 -38.59
CA THR D 202 0.70 -35.98 -38.40
C THR D 202 1.42 -37.27 -38.05
N SER D 203 2.69 -37.41 -38.46
CA SER D 203 3.54 -38.53 -38.13
C SER D 203 4.62 -38.10 -37.14
N PRO D 204 4.93 -38.95 -36.16
CA PRO D 204 5.84 -38.51 -35.08
C PRO D 204 7.28 -38.40 -35.54
N ILE D 205 8.04 -37.60 -34.79
CA ILE D 205 9.46 -37.39 -35.06
C ILE D 205 10.25 -38.36 -34.20
N VAL D 206 11.05 -39.22 -34.84
CA VAL D 206 11.78 -40.28 -34.16
C VAL D 206 13.27 -39.98 -34.23
N LYS D 207 13.95 -40.05 -33.07
CA LYS D 207 15.39 -39.90 -32.99
C LYS D 207 15.94 -41.04 -32.15
N SER D 208 16.86 -41.82 -32.72
CA SER D 208 17.32 -43.04 -32.09
C SER D 208 18.84 -43.15 -32.13
N PHE D 209 19.36 -44.08 -31.34
CA PHE D 209 20.75 -44.49 -31.44
C PHE D 209 20.88 -45.95 -31.07
N ASN D 210 22.00 -46.53 -31.50
CA ASN D 210 22.44 -47.86 -31.09
C ASN D 210 23.66 -47.66 -30.20
N ARG D 211 23.61 -48.27 -29.01
CA ARG D 211 24.70 -48.17 -28.04
C ARG D 211 26.06 -48.52 -28.64
N ASN D 212 26.09 -49.21 -29.77
CA ASN D 212 27.35 -49.55 -30.44
C ASN D 212 27.42 -48.91 -31.83
N ARG E 1 -12.71 40.35 5.26
CA ARG E 1 -11.81 39.81 4.25
C ARG E 1 -10.67 39.03 4.91
N GLY E 2 -9.93 38.27 4.11
CA GLY E 2 -8.84 37.47 4.62
C GLY E 2 -7.48 38.06 4.32
N PRO E 3 -6.43 37.35 4.72
CA PRO E 3 -5.07 37.83 4.45
C PRO E 3 -4.60 37.46 3.05
N GLY E 4 -3.70 38.29 2.53
CA GLY E 4 -3.13 38.05 1.22
C GLY E 4 -1.63 37.80 1.30
N ARG E 5 -1.17 36.73 0.66
CA ARG E 5 0.26 36.43 0.64
C ARG E 5 1.04 37.55 -0.05
N ALA E 6 0.38 38.30 -0.93
CA ALA E 6 1.01 39.39 -1.69
C ALA E 6 2.20 38.92 -2.49
N PHE E 7 2.17 37.64 -2.90
CA PHE E 7 3.19 37.02 -3.73
C PHE E 7 4.57 37.02 -3.08
N VAL E 8 4.63 37.20 -1.76
CA VAL E 8 5.89 37.13 -1.02
C VAL E 8 6.05 35.68 -0.58
N THR E 9 6.77 34.92 -1.40
CA THR E 9 6.95 33.49 -1.16
C THR E 9 8.11 33.24 -0.20
N ILE E 10 8.18 32.02 0.30
CA ILE E 10 9.25 31.61 1.20
C ILE E 10 10.56 31.45 0.44
#